data_8E50
#
_entry.id   8E50
#
_cell.length_a   1.00
_cell.length_b   1.00
_cell.length_c   1.00
_cell.angle_alpha   90.00
_cell.angle_beta   90.00
_cell.angle_gamma   90.00
#
_symmetry.space_group_name_H-M   'P 1'
#
loop_
_entity.id
_entity.type
_entity.pdbx_description
1 polymer 'Glycerol-3-phosphate acyltransferase 1, mitochondrial'
2 non-polymer 'COENZYME A'
3 non-polymer '(2R)-2-hydroxy-3-(phosphonooxy)propyl hexadecanoate'
#
_entity_poly.entity_id   1
_entity_poly.type   'polypeptide(L)'
_entity_poly.pdbx_seq_one_letter_code
;MDYKDDDDKGSENLYFQSNPSIPSLGLRNVIYINETHTRHRGWLARRLSYVLFIQERDVHKGMFATNVTENVLNSSRVQE
AIAEVAAELNPDGSAQQQSKAVNKVKKKAKRILQEMVATVSPAMIRLTGWVLLKLFNSFFWNIQIHKGQLEMVKAATETN
LPLLFLPVHRSHIDYLLLTFILFCHNIKAPYIASGNNLNIPIFSTLIHKLGGFFIRRRLDETPDGRKDVLYRALLHGHIV
ELLRQQQFLEIFLEGTRSRSGKTSCARAGLLSVVVDTLSTNVIPDILIIPVGISYDRIIEGHYNGEQLGKPKKNESLWSV
ARGVIRMLRKNYGCVRVDFAQPFSLKEYLESQSQKPVSALLSLEQALLPAILPSRPSDAADEGRDTSINESRNATDESLR
RRLIANLAEHILFTASKSCAIMSTHIVACLLLYRHRQGIDLSTLVEDFFVMKEEVLARDFDLGFSGNSEDVVMHAIQLLG
NCVTITHTSRNDEFFITPSTTVPSVFELNFYSNGVLHVFIMEAIIACSLYAVLNKRGLGGPTSTPPNLISQEQLVRKAAS
LCYLLSNEGTISLPCQTFYQVCHETVGKFIQYGILTVAEHDDQEDISPSLAEQQWDKKLPEPLSWRSDEEDEDSDFGEEQ
RDCYLKVSQSKEHQQFITFLQRLLGPLLEAYSSAAIFVHNFSGPVPEPEYLQKLHKYLITRTERNVAVYAESATYCLVKN
AVKMFKDIGVFKETKQKRVSVLELSSTFLPQCNRQKLLEYILSFVVL
;
_entity_poly.pdbx_strand_id   A
#
loop_
_chem_comp.id
_chem_comp.type
_chem_comp.name
_chem_comp.formula
COA non-polymer 'COENZYME A' 'C21 H36 N7 O16 P3 S'
NKO non-polymer '(2R)-2-hydroxy-3-(phosphonooxy)propyl hexadecanoate' 'C19 H39 O7 P'
#
# COMPACT_ATOMS: atom_id res chain seq x y z
N GLY A 26 -16.29 11.06 -18.14
CA GLY A 26 -15.26 12.14 -18.12
C GLY A 26 -13.86 11.60 -17.86
N LEU A 27 -13.45 10.57 -18.61
CA LEU A 27 -12.16 9.85 -18.47
C LEU A 27 -11.29 10.08 -19.72
N ARG A 28 -10.11 9.44 -19.77
CA ARG A 28 -9.14 9.50 -20.88
C ARG A 28 -8.32 8.19 -20.86
N ASN A 29 -8.26 7.48 -21.99
CA ASN A 29 -7.41 6.27 -22.18
C ASN A 29 -6.09 6.69 -22.81
N VAL A 30 -5.00 6.64 -22.06
CA VAL A 30 -3.65 7.16 -22.47
C VAL A 30 -3.07 6.27 -23.57
N ILE A 31 -3.42 4.97 -23.60
CA ILE A 31 -2.88 3.96 -24.55
C ILE A 31 -3.60 4.08 -25.91
N TYR A 32 -4.86 4.54 -25.94
CA TYR A 32 -5.68 4.70 -27.17
C TYR A 32 -5.16 5.87 -28.01
N ILE A 33 -4.28 5.58 -28.96
CA ILE A 33 -3.59 6.58 -29.85
C ILE A 33 -3.80 6.18 -31.31
N ASN A 34 -4.80 6.77 -31.97
CA ASN A 34 -4.91 6.80 -33.47
C ASN A 34 -4.50 8.20 -33.94
N GLU A 35 -4.44 8.41 -35.27
CA GLU A 35 -3.88 9.62 -35.92
C GLU A 35 -4.56 10.91 -35.41
N THR A 36 -5.80 10.83 -34.90
CA THR A 36 -6.55 11.96 -34.29
C THR A 36 -5.77 12.61 -33.14
N HIS A 37 -4.87 11.87 -32.48
CA HIS A 37 -3.98 12.35 -31.38
C HIS A 37 -2.69 12.97 -31.94
N THR A 38 -2.52 13.01 -33.27
CA THR A 38 -1.35 13.61 -33.97
C THR A 38 -1.85 14.66 -34.97
N ARG A 39 -0.98 15.57 -35.41
CA ARG A 39 -1.32 16.69 -36.34
C ARG A 39 -1.43 16.15 -37.78
N HIS A 40 -0.38 15.48 -38.26
CA HIS A 40 -0.30 14.89 -39.62
C HIS A 40 -1.34 13.78 -39.75
N ARG A 41 -2.01 13.68 -40.91
CA ARG A 41 -3.11 12.69 -41.18
C ARG A 41 -3.11 12.24 -42.64
N GLY A 42 -3.56 11.01 -42.87
CA GLY A 42 -3.51 10.30 -44.17
C GLY A 42 -3.09 8.85 -44.01
N TRP A 43 -3.29 8.05 -45.06
CA TRP A 43 -3.06 6.57 -45.07
C TRP A 43 -1.77 6.27 -44.31
N LEU A 44 -0.67 6.87 -44.78
CA LEU A 44 0.70 6.72 -44.24
C LEU A 44 0.74 7.12 -42.76
N ALA A 45 0.18 8.30 -42.43
CA ALA A 45 0.19 8.92 -41.09
C ALA A 45 -0.59 8.04 -40.09
N ARG A 46 -1.60 7.31 -40.56
CA ARG A 46 -2.29 6.27 -39.74
C ARG A 46 -1.31 5.13 -39.47
N ARG A 47 -0.78 4.51 -40.53
CA ARG A 47 0.10 3.31 -40.46
C ARG A 47 1.25 3.56 -39.48
N LEU A 48 1.77 4.79 -39.41
CA LEU A 48 2.80 5.24 -38.44
C LEU A 48 2.20 6.28 -37.49
N SER A 49 1.10 5.95 -36.82
CA SER A 49 0.39 6.82 -35.83
C SER A 49 1.29 7.07 -34.61
N TYR A 50 1.71 5.98 -33.95
CA TYR A 50 2.45 5.96 -32.65
C TYR A 50 3.75 6.80 -32.76
N VAL A 51 4.56 6.45 -33.76
CA VAL A 51 5.94 6.99 -33.97
C VAL A 51 5.87 8.52 -34.07
N LEU A 52 4.79 9.06 -34.65
CA LEU A 52 4.51 10.53 -34.70
C LEU A 52 4.16 11.03 -33.29
N PHE A 53 3.21 10.36 -32.60
CA PHE A 53 2.77 10.70 -31.22
C PHE A 53 4.00 10.80 -30.29
N ILE A 54 4.97 9.90 -30.44
CA ILE A 54 6.25 9.94 -29.65
C ILE A 54 7.07 11.16 -30.09
N GLN A 55 7.12 11.46 -31.40
CA GLN A 55 7.89 12.61 -31.97
C GLN A 55 7.33 13.94 -31.45
N GLU A 56 6.01 14.05 -31.30
CA GLU A 56 5.33 15.31 -30.92
C GLU A 56 5.54 15.66 -29.43
N ARG A 57 5.95 14.70 -28.59
CA ARG A 57 6.13 14.89 -27.12
C ARG A 57 7.23 15.94 -26.86
N ASP A 58 7.00 16.83 -25.88
CA ASP A 58 7.92 17.92 -25.47
C ASP A 58 8.73 17.47 -24.26
N VAL A 59 9.93 16.93 -24.49
CA VAL A 59 10.94 16.59 -23.44
C VAL A 59 12.33 16.93 -24.01
N HIS A 60 13.01 17.94 -23.45
CA HIS A 60 14.37 18.39 -23.86
C HIS A 60 15.32 18.32 -22.67
N LYS A 61 16.63 18.27 -22.93
CA LYS A 61 17.71 18.11 -21.92
C LYS A 61 17.78 19.32 -20.99
N GLY A 62 17.40 20.51 -21.48
CA GLY A 62 17.48 21.81 -20.75
C GLY A 62 16.69 21.85 -19.46
N MET A 63 15.58 21.11 -19.35
CA MET A 63 14.63 21.17 -18.20
C MET A 63 14.97 20.09 -17.14
N PHE A 64 16.18 19.53 -17.16
CA PHE A 64 16.68 18.53 -16.18
C PHE A 64 17.85 19.13 -15.40
N ALA A 65 18.04 18.70 -14.14
CA ALA A 65 19.10 19.17 -13.21
C ALA A 65 20.46 18.69 -13.71
N THR A 66 21.46 19.59 -13.72
CA THR A 66 22.83 19.38 -14.29
C THR A 66 23.89 19.91 -13.32
N ASN A 67 25.10 19.34 -13.38
CA ASN A 67 26.26 19.69 -12.51
C ASN A 67 26.01 19.17 -11.09
N VAL A 68 25.27 18.06 -10.97
CA VAL A 68 24.72 17.53 -9.69
C VAL A 68 25.87 17.03 -8.82
N THR A 69 26.66 16.07 -9.32
CA THR A 69 27.86 15.50 -8.65
C THR A 69 28.75 16.64 -8.13
N GLU A 70 29.09 17.57 -9.02
CA GLU A 70 29.93 18.77 -8.75
C GLU A 70 29.32 19.58 -7.60
N ASN A 71 28.05 19.97 -7.74
CA ASN A 71 27.31 20.81 -6.74
C ASN A 71 27.21 20.10 -5.39
N VAL A 72 27.00 18.78 -5.39
CA VAL A 72 26.91 17.94 -4.15
C VAL A 72 28.31 17.83 -3.51
N LEU A 73 29.36 17.70 -4.33
CA LEU A 73 30.77 17.61 -3.85
C LEU A 73 31.31 19.00 -3.46
N ASN A 74 30.65 20.09 -3.85
CA ASN A 74 30.98 21.48 -3.43
C ASN A 74 30.19 21.90 -2.18
N SER A 75 29.24 21.07 -1.70
CA SER A 75 28.38 21.34 -0.51
C SER A 75 29.23 21.45 0.76
N SER A 76 28.98 22.49 1.57
CA SER A 76 29.73 22.80 2.82
C SER A 76 29.40 21.80 3.93
N ARG A 77 28.21 21.19 3.91
CA ARG A 77 27.82 20.06 4.79
C ARG A 77 28.68 18.83 4.46
N VAL A 78 28.78 18.51 3.16
CA VAL A 78 29.45 17.28 2.63
C VAL A 78 30.95 17.36 2.92
N GLN A 79 31.60 18.50 2.67
CA GLN A 79 33.08 18.67 2.85
C GLN A 79 33.40 18.62 4.36
N GLU A 80 32.52 19.14 5.21
CA GLU A 80 32.65 19.06 6.69
C GLU A 80 32.44 17.62 7.15
N ALA A 81 31.42 16.94 6.60
CA ALA A 81 31.16 15.49 6.84
C ALA A 81 32.40 14.67 6.46
N ILE A 82 33.03 14.99 5.32
CA ILE A 82 34.33 14.41 4.87
C ILE A 82 35.41 14.73 5.92
N ALA A 83 35.53 16.01 6.31
CA ALA A 83 36.63 16.55 7.15
C ALA A 83 36.83 15.73 8.42
N GLU A 84 35.74 15.26 9.07
CA GLU A 84 35.80 14.56 10.40
C GLU A 84 36.01 13.05 10.22
N VAL A 85 35.45 12.45 9.15
CA VAL A 85 35.59 11.00 8.83
C VAL A 85 37.08 10.69 8.58
N ALA A 86 37.78 11.61 7.91
CA ALA A 86 39.24 11.56 7.67
C ALA A 86 39.99 11.64 9.01
N ALA A 87 39.69 12.66 9.82
CA ALA A 87 40.41 13.05 11.07
C ALA A 87 40.74 11.82 11.93
N GLU A 88 39.78 10.91 12.11
CA GLU A 88 39.90 9.65 12.90
C GLU A 88 41.15 8.87 12.48
N LEU A 89 41.40 8.79 11.17
CA LEU A 89 42.46 7.95 10.56
C LEU A 89 43.73 8.81 10.42
N ASN A 90 44.65 8.73 11.40
CA ASN A 90 45.90 9.52 11.45
C ASN A 90 46.84 8.98 12.53
N PRO A 91 48.15 9.32 12.48
CA PRO A 91 49.04 9.19 13.64
C PRO A 91 48.93 10.40 14.60
N GLN A 98 49.56 17.47 6.89
CA GLN A 98 49.85 16.19 7.60
C GLN A 98 48.81 15.14 7.19
N SER A 99 47.53 15.46 7.38
CA SER A 99 46.37 14.56 7.12
C SER A 99 46.04 14.55 5.62
N LYS A 100 46.93 13.96 4.81
CA LYS A 100 46.85 13.96 3.31
C LYS A 100 46.09 12.72 2.81
N ALA A 101 45.48 11.93 3.71
CA ALA A 101 44.61 10.78 3.37
C ALA A 101 43.23 11.24 2.89
N VAL A 102 42.90 12.53 3.04
CA VAL A 102 41.67 13.20 2.51
C VAL A 102 41.39 12.72 1.07
N ASN A 103 42.44 12.57 0.25
CA ASN A 103 42.40 12.04 -1.14
C ASN A 103 41.55 10.77 -1.20
N LYS A 104 41.78 9.83 -0.27
CA LYS A 104 41.15 8.48 -0.25
C LYS A 104 39.65 8.62 0.00
N VAL A 105 39.27 9.22 1.13
CA VAL A 105 37.85 9.41 1.56
C VAL A 105 37.11 10.26 0.51
N LYS A 106 37.75 11.33 -0.01
CA LYS A 106 37.17 12.21 -1.06
C LYS A 106 36.97 11.40 -2.35
N LYS A 107 37.95 10.56 -2.71
CA LYS A 107 37.90 9.68 -3.90
C LYS A 107 36.80 8.62 -3.71
N LYS A 108 36.57 8.17 -2.48
CA LYS A 108 35.45 7.23 -2.12
C LYS A 108 34.11 7.96 -2.26
N ALA A 109 34.00 9.14 -1.65
CA ALA A 109 32.80 10.02 -1.64
C ALA A 109 32.32 10.26 -3.08
N LYS A 110 33.25 10.51 -4.01
CA LYS A 110 32.95 10.68 -5.46
C LYS A 110 32.23 9.42 -5.97
N ARG A 111 32.86 8.26 -5.87
CA ARG A 111 32.38 6.95 -6.38
C ARG A 111 30.94 6.68 -5.92
N ILE A 112 30.57 7.07 -4.69
CA ILE A 112 29.20 6.91 -4.14
C ILE A 112 28.22 7.70 -5.04
N LEU A 113 28.52 8.96 -5.34
CA LEU A 113 27.69 9.83 -6.23
C LEU A 113 27.69 9.24 -7.65
N GLN A 114 28.81 8.67 -8.11
CA GLN A 114 28.98 8.08 -9.47
C GLN A 114 27.99 6.93 -9.66
N GLU A 115 27.73 6.13 -8.61
CA GLU A 115 26.75 5.01 -8.64
C GLU A 115 25.36 5.53 -8.22
N MET A 116 25.27 6.62 -7.44
CA MET A 116 23.96 7.20 -6.99
C MET A 116 23.27 7.93 -8.16
N VAL A 117 23.83 9.06 -8.63
CA VAL A 117 23.12 10.09 -9.45
C VAL A 117 22.56 9.47 -10.74
N ALA A 118 21.41 9.99 -11.19
CA ALA A 118 20.77 9.67 -12.50
C ALA A 118 21.13 10.76 -13.51
N THR A 119 21.04 10.43 -14.80
CA THR A 119 21.42 11.29 -15.95
C THR A 119 20.43 11.08 -17.11
N VAL A 120 19.27 11.74 -17.05
CA VAL A 120 18.12 11.52 -17.98
C VAL A 120 18.55 11.92 -19.40
N SER A 121 18.15 11.13 -20.40
CA SER A 121 18.34 11.40 -21.85
C SER A 121 16.99 11.39 -22.55
N PRO A 122 16.46 12.54 -23.01
CA PRO A 122 15.20 12.59 -23.77
C PRO A 122 15.08 11.53 -24.87
N ALA A 123 16.19 11.22 -25.55
CA ALA A 123 16.33 10.15 -26.56
C ALA A 123 15.89 8.80 -25.96
N MET A 124 16.44 8.45 -24.78
CA MET A 124 16.14 7.20 -24.04
C MET A 124 14.64 7.18 -23.67
N ILE A 125 14.16 8.24 -23.01
CA ILE A 125 12.77 8.38 -22.47
C ILE A 125 11.77 8.13 -23.61
N ARG A 126 11.93 8.81 -24.74
CA ARG A 126 11.06 8.65 -25.94
C ARG A 126 11.07 7.18 -26.38
N LEU A 127 12.25 6.59 -26.54
CA LEU A 127 12.45 5.23 -27.13
C LEU A 127 11.89 4.17 -26.17
N THR A 128 11.99 4.39 -24.86
CA THR A 128 11.34 3.55 -23.81
C THR A 128 9.82 3.73 -23.92
N GLY A 129 9.35 4.98 -23.82
CA GLY A 129 7.93 5.38 -23.97
C GLY A 129 7.27 4.70 -25.16
N TRP A 130 7.96 4.68 -26.31
CA TRP A 130 7.53 3.97 -27.54
C TRP A 130 7.30 2.48 -27.23
N VAL A 131 8.30 1.82 -26.64
CA VAL A 131 8.26 0.37 -26.32
C VAL A 131 7.10 0.11 -25.35
N LEU A 132 7.09 0.79 -24.21
CA LEU A 132 6.01 0.70 -23.17
C LEU A 132 4.64 0.95 -23.81
N LEU A 133 4.53 1.90 -24.76
CA LEU A 133 3.26 2.18 -25.48
C LEU A 133 2.87 0.98 -26.36
N LYS A 134 3.83 0.21 -26.88
CA LYS A 134 3.56 -1.06 -27.61
C LYS A 134 3.13 -2.13 -26.61
N LEU A 135 3.93 -2.35 -25.57
CA LEU A 135 3.77 -3.47 -24.59
C LEU A 135 2.48 -3.30 -23.79
N PHE A 136 2.24 -2.13 -23.18
CA PHE A 136 1.01 -1.84 -22.40
C PHE A 136 -0.22 -2.17 -23.27
N ASN A 137 -0.20 -1.73 -24.53
CA ASN A 137 -1.31 -1.95 -25.50
C ASN A 137 -1.41 -3.42 -25.89
N SER A 138 -0.38 -4.24 -25.61
CA SER A 138 -0.41 -5.71 -25.79
C SER A 138 -1.10 -6.38 -24.59
N PHE A 139 -0.50 -6.31 -23.39
CA PHE A 139 -0.92 -7.12 -22.21
C PHE A 139 -1.89 -6.35 -21.30
N PHE A 140 -2.36 -5.14 -21.67
CA PHE A 140 -3.48 -4.44 -20.97
C PHE A 140 -4.63 -4.14 -21.95
N TRP A 141 -5.82 -3.92 -21.38
CA TRP A 141 -7.08 -3.57 -22.08
C TRP A 141 -7.15 -2.05 -22.27
N ASN A 142 -6.83 -1.28 -21.23
CA ASN A 142 -6.64 0.19 -21.27
C ASN A 142 -5.96 0.66 -19.97
N ILE A 143 -5.65 1.97 -19.89
CA ILE A 143 -5.16 2.67 -18.66
C ILE A 143 -5.93 3.98 -18.52
N GLN A 144 -6.86 4.06 -17.55
CA GLN A 144 -7.84 5.17 -17.38
C GLN A 144 -7.24 6.31 -16.57
N ILE A 145 -7.45 7.56 -17.01
CA ILE A 145 -7.06 8.82 -16.30
C ILE A 145 -8.28 9.76 -16.27
N HIS A 146 -8.66 10.24 -15.08
CA HIS A 146 -9.69 11.30 -14.89
C HIS A 146 -9.04 12.66 -15.18
N LYS A 147 -9.43 13.30 -16.29
CA LYS A 147 -8.81 14.55 -16.83
C LYS A 147 -8.68 15.60 -15.71
N GLY A 148 -9.78 15.86 -15.00
CA GLY A 148 -9.88 16.84 -13.88
C GLY A 148 -8.74 16.70 -12.88
N GLN A 149 -8.37 15.45 -12.54
CA GLN A 149 -7.28 15.14 -11.57
C GLN A 149 -5.92 15.56 -12.14
N LEU A 150 -5.74 15.49 -13.47
CA LEU A 150 -4.44 15.78 -14.13
C LEU A 150 -4.36 17.28 -14.50
N GLU A 151 -5.48 17.88 -14.93
CA GLU A 151 -5.62 19.35 -15.17
C GLU A 151 -5.20 20.14 -13.93
N MET A 152 -5.40 19.56 -12.73
CA MET A 152 -4.85 20.07 -11.44
C MET A 152 -3.32 19.98 -11.44
N VAL A 153 -2.78 18.80 -11.76
CA VAL A 153 -1.30 18.52 -11.78
C VAL A 153 -0.62 19.45 -12.80
N LYS A 154 -1.28 19.78 -13.91
CA LYS A 154 -0.78 20.72 -14.95
C LYS A 154 -0.89 22.18 -14.47
N ALA A 155 -1.65 22.44 -13.39
CA ALA A 155 -1.66 23.75 -12.68
C ALA A 155 -0.58 23.75 -11.60
N ALA A 156 -0.34 22.60 -10.95
CA ALA A 156 0.74 22.39 -9.96
C ALA A 156 2.13 22.43 -10.65
N THR A 157 2.21 22.02 -11.91
CA THR A 157 3.45 22.01 -12.75
C THR A 157 3.86 23.45 -13.08
N GLU A 158 2.90 24.28 -13.53
CA GLU A 158 3.15 25.63 -14.10
C GLU A 158 3.28 26.69 -12.99
N THR A 159 3.32 26.27 -11.71
CA THR A 159 3.90 27.06 -10.58
C THR A 159 5.30 26.50 -10.30
N ASN A 160 6.27 27.39 -10.06
CA ASN A 160 7.72 27.05 -10.06
C ASN A 160 8.13 26.45 -8.70
N LEU A 161 7.67 25.22 -8.43
CA LEU A 161 7.94 24.49 -7.16
C LEU A 161 8.31 23.04 -7.47
N PRO A 162 9.17 22.39 -6.64
CA PRO A 162 9.44 20.96 -6.78
C PRO A 162 8.26 20.11 -6.29
N LEU A 163 7.73 19.24 -7.16
CA LEU A 163 6.65 18.27 -6.85
C LEU A 163 7.26 16.96 -6.33
N LEU A 164 6.46 16.19 -5.58
CA LEU A 164 6.85 14.88 -5.00
C LEU A 164 5.68 13.89 -5.18
N PHE A 165 5.89 12.87 -6.03
CA PHE A 165 4.87 11.84 -6.40
C PHE A 165 5.04 10.62 -5.49
N LEU A 166 4.02 10.34 -4.66
CA LEU A 166 4.03 9.27 -3.63
C LEU A 166 2.94 8.26 -3.97
N PRO A 167 3.18 7.33 -4.92
CA PRO A 167 2.24 6.25 -5.22
C PRO A 167 2.25 5.12 -4.17
N VAL A 168 1.32 4.18 -4.31
CA VAL A 168 1.19 2.95 -3.47
C VAL A 168 1.72 1.76 -4.29
N HIS A 169 2.75 1.08 -3.80
CA HIS A 169 3.44 -0.04 -4.51
C HIS A 169 2.54 -1.27 -4.45
N ARG A 170 2.24 -1.88 -5.60
CA ARG A 170 1.35 -3.06 -5.78
C ARG A 170 1.99 -4.06 -6.74
N SER A 171 2.34 -3.62 -7.95
CA SER A 171 3.07 -4.39 -8.99
C SER A 171 4.27 -3.59 -9.49
N HIS A 172 5.23 -4.25 -10.15
CA HIS A 172 6.44 -3.62 -10.75
C HIS A 172 6.04 -2.56 -11.78
N ILE A 173 4.94 -2.79 -12.52
CA ILE A 173 4.40 -1.88 -13.58
C ILE A 173 4.11 -0.49 -12.99
N ASP A 174 3.90 -0.37 -11.66
CA ASP A 174 3.65 0.91 -10.96
C ASP A 174 4.67 1.98 -11.36
N TYR A 175 5.97 1.66 -11.38
CA TYR A 175 7.05 2.65 -11.63
C TYR A 175 7.20 2.91 -13.14
N LEU A 176 6.76 1.99 -14.00
CA LEU A 176 6.66 2.22 -15.47
C LEU A 176 5.49 3.16 -15.78
N LEU A 177 4.33 2.98 -15.11
CA LEU A 177 3.10 3.77 -15.37
C LEU A 177 3.30 5.23 -14.97
N LEU A 178 3.59 5.48 -13.69
CA LEU A 178 3.66 6.84 -13.06
C LEU A 178 4.35 7.83 -14.00
N THR A 179 5.49 7.44 -14.60
CA THR A 179 6.31 8.25 -15.53
C THR A 179 5.60 8.38 -16.88
N PHE A 180 5.28 7.24 -17.50
CA PHE A 180 4.63 7.11 -18.83
C PHE A 180 3.35 7.96 -18.90
N ILE A 181 2.55 7.98 -17.83
CA ILE A 181 1.33 8.83 -17.71
C ILE A 181 1.72 10.30 -17.88
N LEU A 182 2.81 10.74 -17.22
CA LEU A 182 3.25 12.16 -17.21
C LEU A 182 3.86 12.50 -18.58
N PHE A 183 4.80 11.67 -19.05
CA PHE A 183 5.47 11.79 -20.38
C PHE A 183 4.44 12.05 -21.49
N CYS A 184 3.30 11.36 -21.45
CA CYS A 184 2.22 11.41 -22.46
C CYS A 184 1.27 12.60 -22.23
N HIS A 185 1.61 13.54 -21.35
CA HIS A 185 0.91 14.85 -21.19
C HIS A 185 1.91 16.01 -21.20
N ASN A 186 3.08 15.82 -21.83
CA ASN A 186 4.14 16.87 -21.98
C ASN A 186 4.59 17.35 -20.60
N ILE A 187 4.86 16.41 -19.67
CA ILE A 187 5.45 16.68 -18.32
C ILE A 187 6.77 15.91 -18.23
N LYS A 188 7.80 16.53 -17.62
CA LYS A 188 9.17 15.97 -17.52
C LYS A 188 9.17 14.81 -16.52
N ALA A 189 9.86 13.72 -16.87
CA ALA A 189 9.94 12.46 -16.09
C ALA A 189 10.55 12.76 -14.71
N PRO A 190 9.95 12.25 -13.61
CA PRO A 190 10.51 12.46 -12.27
C PRO A 190 11.68 11.52 -11.99
N TYR A 191 12.63 11.97 -11.16
CA TYR A 191 13.78 11.16 -10.68
C TYR A 191 13.27 10.19 -9.61
N ILE A 192 13.40 8.88 -9.85
CA ILE A 192 12.79 7.81 -9.00
C ILE A 192 13.84 7.34 -7.99
N ALA A 193 13.47 7.27 -6.70
CA ALA A 193 14.32 6.71 -5.62
C ALA A 193 14.27 5.17 -5.70
N SER A 194 15.33 4.55 -6.23
CA SER A 194 15.37 3.10 -6.60
C SER A 194 16.24 2.30 -5.63
N GLY A 195 15.84 1.06 -5.34
CA GLY A 195 16.59 0.10 -4.51
C GLY A 195 17.91 -0.27 -5.15
N ASN A 196 18.94 -0.51 -4.33
CA ASN A 196 20.35 -0.76 -4.76
C ASN A 196 20.43 -2.09 -5.52
N ASN A 197 19.44 -2.98 -5.34
CA ASN A 197 19.29 -4.28 -6.04
C ASN A 197 19.46 -4.11 -7.56
N LEU A 198 18.78 -3.13 -8.16
CA LEU A 198 18.73 -2.92 -9.63
C LEU A 198 20.10 -2.49 -10.17
N ASN A 199 20.97 -1.94 -9.31
CA ASN A 199 22.33 -1.46 -9.69
C ASN A 199 23.20 -2.67 -10.07
N ILE A 200 23.13 -3.09 -11.33
CA ILE A 200 23.97 -4.15 -11.96
C ILE A 200 24.40 -3.67 -13.35
N PRO A 201 25.59 -4.05 -13.85
CA PRO A 201 26.07 -3.60 -15.17
C PRO A 201 25.05 -3.73 -16.32
N ILE A 202 25.09 -2.78 -17.28
CA ILE A 202 24.12 -2.60 -18.41
C ILE A 202 22.77 -2.13 -17.86
N PHE A 203 22.06 -2.97 -17.11
CA PHE A 203 20.69 -2.70 -16.59
C PHE A 203 20.69 -1.41 -15.75
N SER A 204 21.77 -1.13 -15.01
CA SER A 204 21.95 0.12 -14.21
C SER A 204 21.98 1.34 -15.13
N THR A 205 22.93 1.36 -16.09
CA THR A 205 23.21 2.52 -16.98
C THR A 205 22.00 2.81 -17.89
N LEU A 206 21.12 1.83 -18.10
CA LEU A 206 19.78 2.04 -18.70
C LEU A 206 18.93 2.89 -17.73
N ILE A 207 18.76 2.40 -16.50
CA ILE A 207 17.89 2.99 -15.44
C ILE A 207 18.36 4.42 -15.13
N HIS A 208 19.68 4.62 -14.95
CA HIS A 208 20.33 5.94 -14.76
C HIS A 208 19.87 6.95 -15.84
N LYS A 209 19.74 6.49 -17.08
CA LYS A 209 19.33 7.34 -18.24
C LYS A 209 17.81 7.51 -18.30
N LEU A 210 17.04 6.82 -17.43
CA LEU A 210 15.56 6.91 -17.36
C LEU A 210 15.10 7.59 -16.06
N GLY A 211 16.02 8.14 -15.26
CA GLY A 211 15.72 8.98 -14.08
C GLY A 211 15.93 8.27 -12.76
N GLY A 212 15.86 6.93 -12.74
CA GLY A 212 16.02 6.11 -11.51
C GLY A 212 17.40 6.27 -10.90
N PHE A 213 17.49 6.83 -9.69
CA PHE A 213 18.74 6.95 -8.90
C PHE A 213 18.71 5.91 -7.78
N PHE A 214 19.80 5.14 -7.64
CA PHE A 214 19.93 4.00 -6.70
C PHE A 214 20.33 4.51 -5.32
N ILE A 215 19.69 3.95 -4.29
CA ILE A 215 19.97 4.28 -2.85
C ILE A 215 20.22 2.95 -2.10
N ARG A 216 21.13 2.96 -1.13
CA ARG A 216 21.46 1.79 -0.27
C ARG A 216 20.25 1.42 0.60
N ARG A 217 20.23 0.18 1.10
CA ARG A 217 19.22 -0.30 2.10
C ARG A 217 19.85 -0.26 3.50
N ARG A 218 19.17 0.38 4.45
CA ARG A 218 19.55 0.53 5.89
C ARG A 218 20.52 1.70 6.10
N LEU A 219 21.22 2.16 5.04
CA LEU A 219 22.22 3.27 5.08
C LEU A 219 23.29 2.95 6.13
N ASP A 220 23.80 1.72 6.12
CA ASP A 220 24.81 1.19 7.09
C ASP A 220 25.85 0.37 6.34
N GLU A 221 27.08 0.87 6.26
CA GLU A 221 28.25 0.17 5.65
C GLU A 221 28.46 -1.17 6.36
N THR A 222 28.61 -1.14 7.69
CA THR A 222 28.93 -2.31 8.54
C THR A 222 28.66 -1.97 10.01
N PRO A 223 28.12 -2.90 10.83
CA PRO A 223 28.01 -2.69 12.28
C PRO A 223 29.30 -2.37 13.05
N ASP A 224 30.47 -2.43 12.40
CA ASP A 224 31.78 -1.92 12.90
C ASP A 224 31.66 -0.41 13.16
N GLY A 225 31.15 0.33 12.17
CA GLY A 225 30.82 1.77 12.28
C GLY A 225 29.39 1.98 12.74
N ARG A 226 29.12 3.08 13.44
CA ARG A 226 27.75 3.43 13.95
C ARG A 226 26.89 3.86 12.76
N LYS A 227 27.32 4.92 12.07
CA LYS A 227 26.62 5.58 10.93
C LYS A 227 27.67 6.10 9.93
N ASP A 228 27.56 5.72 8.65
CA ASP A 228 28.46 6.20 7.56
C ASP A 228 28.09 7.65 7.24
N VAL A 229 28.53 8.58 8.11
CA VAL A 229 28.19 10.03 8.12
C VAL A 229 28.33 10.59 6.70
N LEU A 230 29.40 10.18 6.00
CA LEU A 230 29.70 10.54 4.59
C LEU A 230 28.50 10.19 3.69
N TYR A 231 28.09 8.91 3.66
CA TYR A 231 26.99 8.40 2.79
C TYR A 231 25.70 9.19 3.05
N ARG A 232 25.33 9.32 4.34
CA ARG A 232 24.08 10.02 4.77
C ARG A 232 24.12 11.48 4.33
N ALA A 233 25.25 12.18 4.57
CA ALA A 233 25.49 13.58 4.16
C ALA A 233 25.39 13.72 2.63
N LEU A 234 26.02 12.81 1.89
CA LEU A 234 25.96 12.76 0.40
C LEU A 234 24.51 12.55 -0.05
N LEU A 235 23.79 11.63 0.59
CA LEU A 235 22.37 11.30 0.27
C LEU A 235 21.48 12.52 0.54
N HIS A 236 21.64 13.17 1.70
CA HIS A 236 20.96 14.44 2.07
C HIS A 236 21.26 15.50 1.00
N GLY A 237 22.55 15.72 0.72
CA GLY A 237 23.06 16.70 -0.27
C GLY A 237 22.44 16.49 -1.65
N HIS A 238 22.47 15.26 -2.17
CA HIS A 238 21.93 14.87 -3.51
C HIS A 238 20.46 15.30 -3.62
N ILE A 239 19.62 14.88 -2.67
CA ILE A 239 18.15 15.16 -2.66
C ILE A 239 17.95 16.67 -2.47
N VAL A 240 18.64 17.30 -1.51
CA VAL A 240 18.63 18.79 -1.30
C VAL A 240 18.86 19.47 -2.65
N GLU A 241 19.94 19.09 -3.36
CA GLU A 241 20.34 19.67 -4.67
C GLU A 241 19.27 19.40 -5.73
N LEU A 242 18.80 18.15 -5.82
CA LEU A 242 17.84 17.70 -6.87
C LEU A 242 16.48 18.39 -6.66
N LEU A 243 16.11 18.69 -5.42
CA LEU A 243 14.89 19.50 -5.09
C LEU A 243 15.17 20.98 -5.38
N ARG A 244 16.33 21.51 -4.95
CA ARG A 244 16.70 22.94 -5.10
C ARG A 244 16.59 23.39 -6.58
N GLN A 245 16.79 22.50 -7.55
CA GLN A 245 16.69 22.80 -9.01
C GLN A 245 15.28 22.55 -9.56
N GLN A 246 14.25 22.45 -8.70
CA GLN A 246 12.80 22.41 -9.07
C GLN A 246 12.49 21.19 -9.95
N GLN A 247 13.04 20.02 -9.63
CA GLN A 247 12.75 18.74 -10.34
C GLN A 247 11.71 17.93 -9.56
N PHE A 248 11.10 16.94 -10.22
CA PHE A 248 10.05 16.05 -9.67
C PHE A 248 10.69 14.76 -9.15
N LEU A 249 10.25 14.32 -7.97
CA LEU A 249 10.80 13.15 -7.24
C LEU A 249 9.71 12.09 -7.09
N GLU A 250 10.08 10.81 -7.22
CA GLU A 250 9.17 9.64 -7.03
C GLU A 250 9.75 8.72 -5.96
N ILE A 251 9.05 8.59 -4.83
CA ILE A 251 9.39 7.73 -3.67
C ILE A 251 8.18 6.83 -3.36
N PHE A 252 8.40 5.51 -3.29
CA PHE A 252 7.41 4.50 -2.83
C PHE A 252 7.56 4.33 -1.32
N LEU A 253 6.62 4.86 -0.54
CA LEU A 253 6.69 4.92 0.95
C LEU A 253 6.53 3.52 1.56
N GLU A 254 5.89 2.59 0.84
CA GLU A 254 5.91 1.14 1.14
C GLU A 254 7.20 0.56 0.54
N GLY A 255 8.14 0.15 1.41
CA GLY A 255 9.49 -0.34 1.03
C GLY A 255 9.45 -1.41 -0.05
N THR A 256 8.45 -2.30 0.02
CA THR A 256 8.16 -3.36 -0.99
C THR A 256 6.72 -3.21 -1.49
N ARG A 257 6.35 -3.98 -2.51
CA ARG A 257 4.95 -4.14 -2.98
C ARG A 257 4.20 -5.04 -2.00
N SER A 258 2.88 -4.87 -1.90
CA SER A 258 2.02 -5.55 -0.89
C SER A 258 1.71 -6.98 -1.33
N ARG A 259 2.03 -7.96 -0.48
CA ARG A 259 1.74 -9.40 -0.71
C ARG A 259 0.28 -9.69 -0.35
N SER A 260 -0.27 -8.97 0.64
CA SER A 260 -1.66 -9.12 1.16
C SER A 260 -2.69 -8.63 0.15
N GLY A 261 -2.37 -7.57 -0.60
CA GLY A 261 -3.30 -6.88 -1.51
C GLY A 261 -4.03 -5.74 -0.80
N LYS A 262 -3.31 -5.00 0.04
CA LYS A 262 -3.79 -3.78 0.74
C LYS A 262 -2.56 -3.05 1.30
N THR A 263 -2.67 -1.73 1.53
CA THR A 263 -1.54 -0.86 1.92
C THR A 263 -0.97 -1.32 3.27
N SER A 264 0.34 -1.59 3.32
CA SER A 264 1.10 -2.07 4.51
C SER A 264 1.63 -0.87 5.30
N CYS A 265 2.46 -1.10 6.32
CA CYS A 265 3.05 -0.07 7.21
C CYS A 265 3.94 0.89 6.39
N ALA A 266 3.73 2.20 6.56
CA ALA A 266 4.47 3.27 5.86
C ALA A 266 5.87 3.42 6.46
N ARG A 267 6.89 3.55 5.61
CA ARG A 267 8.31 3.80 6.00
C ARG A 267 8.61 5.29 5.91
N ALA A 268 9.15 5.88 6.98
CA ALA A 268 9.51 7.31 7.08
C ALA A 268 11.03 7.46 6.96
N GLY A 269 11.62 6.82 5.95
CA GLY A 269 13.08 6.81 5.70
C GLY A 269 13.53 8.06 4.97
N LEU A 270 12.96 8.33 3.80
CA LEU A 270 13.36 9.44 2.90
C LEU A 270 12.55 10.71 3.22
N LEU A 271 11.29 10.57 3.68
CA LEU A 271 10.43 11.72 4.05
C LEU A 271 11.11 12.58 5.12
N SER A 272 11.93 11.98 6.00
CA SER A 272 12.83 12.68 6.94
C SER A 272 13.83 13.54 6.14
N VAL A 273 14.49 12.95 5.15
CA VAL A 273 15.50 13.63 4.26
C VAL A 273 14.80 14.80 3.54
N VAL A 274 13.59 14.58 3.01
CA VAL A 274 12.83 15.60 2.22
C VAL A 274 12.30 16.70 3.16
N VAL A 275 11.83 16.35 4.37
CA VAL A 275 11.30 17.34 5.36
C VAL A 275 12.46 18.18 5.92
N ASP A 276 13.58 17.53 6.29
CA ASP A 276 14.83 18.19 6.77
C ASP A 276 15.23 19.32 5.81
N THR A 277 15.13 19.07 4.50
CA THR A 277 15.38 20.05 3.40
C THR A 277 14.56 21.32 3.65
N LEU A 278 13.28 21.18 4.02
CA LEU A 278 12.39 22.33 4.35
C LEU A 278 12.81 22.91 5.71
N SER A 279 12.94 22.04 6.72
CA SER A 279 13.34 22.38 8.13
C SER A 279 14.56 23.30 8.16
N THR A 280 15.57 23.02 7.31
CA THR A 280 16.85 23.76 7.21
C THR A 280 16.64 25.16 6.59
N ASN A 281 15.57 25.35 5.80
CA ASN A 281 15.27 26.60 5.03
C ASN A 281 16.33 26.79 3.94
N VAL A 282 16.52 25.76 3.11
CA VAL A 282 17.36 25.80 1.87
C VAL A 282 16.45 25.87 0.63
N ILE A 283 15.19 25.39 0.73
CA ILE A 283 14.15 25.50 -0.33
C ILE A 283 12.86 26.04 0.28
N PRO A 284 12.06 26.86 -0.45
CA PRO A 284 10.89 27.52 0.13
C PRO A 284 9.72 26.59 0.49
N ASP A 285 9.36 25.66 -0.41
CA ASP A 285 8.18 24.77 -0.25
C ASP A 285 8.24 23.61 -1.27
N ILE A 286 7.67 22.46 -0.91
CA ILE A 286 7.51 21.25 -1.76
C ILE A 286 6.01 20.91 -1.82
N LEU A 287 5.53 20.47 -2.99
CA LEU A 287 4.14 19.96 -3.18
C LEU A 287 4.20 18.42 -3.15
N ILE A 288 3.25 17.79 -2.45
CA ILE A 288 3.15 16.31 -2.27
C ILE A 288 1.87 15.83 -2.97
N ILE A 289 1.99 14.84 -3.87
CA ILE A 289 0.88 14.34 -4.76
C ILE A 289 0.69 12.84 -4.53
N PRO A 290 -0.22 12.41 -3.62
CA PRO A 290 -0.53 10.99 -3.45
C PRO A 290 -1.18 10.38 -4.71
N VAL A 291 -0.68 9.23 -5.16
CA VAL A 291 -1.12 8.52 -6.40
C VAL A 291 -1.62 7.12 -6.03
N GLY A 292 -2.71 6.68 -6.66
CA GLY A 292 -3.38 5.39 -6.41
C GLY A 292 -3.61 4.62 -7.71
N ILE A 293 -2.76 3.62 -7.97
CA ILE A 293 -2.76 2.81 -9.22
C ILE A 293 -3.48 1.49 -8.92
N SER A 294 -4.70 1.30 -9.46
CA SER A 294 -5.52 0.07 -9.31
C SER A 294 -5.41 -0.78 -10.58
N TYR A 295 -5.16 -2.08 -10.43
CA TYR A 295 -5.14 -3.10 -11.52
C TYR A 295 -6.34 -4.02 -11.38
N ASP A 296 -6.96 -4.38 -12.50
CA ASP A 296 -8.05 -5.39 -12.57
C ASP A 296 -7.41 -6.78 -12.35
N ARG A 297 -6.17 -6.95 -12.82
CA ARG A 297 -5.35 -8.17 -12.66
C ARG A 297 -3.87 -7.77 -12.76
N ILE A 298 -3.09 -7.92 -11.68
CA ILE A 298 -1.64 -7.53 -11.65
C ILE A 298 -0.83 -8.54 -12.47
N ILE A 299 0.12 -8.06 -13.28
CA ILE A 299 0.95 -8.86 -14.22
C ILE A 299 1.57 -10.06 -13.48
N GLU A 300 2.04 -9.84 -12.25
CA GLU A 300 2.72 -10.85 -11.40
C GLU A 300 1.72 -11.93 -10.95
N GLY A 301 0.44 -11.58 -10.86
CA GLY A 301 -0.65 -12.48 -10.44
C GLY A 301 -0.70 -12.68 -8.94
N HIS A 302 -1.21 -13.82 -8.48
CA HIS A 302 -1.25 -14.26 -7.06
C HIS A 302 0.15 -14.21 -6.42
N TYR A 303 0.21 -14.00 -5.10
CA TYR A 303 1.43 -14.08 -4.25
C TYR A 303 1.39 -15.33 -3.38
N ASN A 304 0.66 -16.38 -3.83
CA ASN A 304 0.47 -17.67 -3.11
C ASN A 304 1.84 -18.31 -2.81
N GLY A 305 2.77 -18.25 -3.78
CA GLY A 305 4.15 -18.76 -3.67
C GLY A 305 4.84 -18.34 -2.39
N GLU A 306 4.69 -17.07 -1.99
CA GLU A 306 5.29 -16.50 -0.75
C GLU A 306 4.39 -16.79 0.45
N GLN A 307 3.08 -16.49 0.34
CA GLN A 307 2.07 -16.61 1.43
C GLN A 307 1.99 -18.05 1.95
N LEU A 308 2.23 -19.05 1.10
CA LEU A 308 2.25 -20.50 1.47
C LEU A 308 3.55 -20.83 2.22
N GLY A 309 4.61 -20.03 2.07
CA GLY A 309 5.90 -20.17 2.78
C GLY A 309 7.01 -20.59 1.83
N TRP A 318 16.65 -21.41 -17.64
CA TRP A 318 15.77 -21.85 -18.76
C TRP A 318 14.30 -21.83 -18.32
N SER A 319 13.96 -22.60 -17.28
CA SER A 319 12.58 -22.87 -16.81
C SER A 319 11.94 -21.61 -16.20
N VAL A 320 12.75 -20.64 -15.75
CA VAL A 320 12.29 -19.29 -15.27
C VAL A 320 11.92 -18.46 -16.51
N ALA A 321 12.85 -18.35 -17.46
CA ALA A 321 12.69 -17.62 -18.76
C ALA A 321 11.48 -18.18 -19.53
N ARG A 322 11.25 -19.49 -19.45
CA ARG A 322 10.01 -20.17 -19.94
C ARG A 322 8.79 -19.56 -19.23
N GLY A 323 8.85 -19.48 -17.89
CA GLY A 323 7.80 -18.89 -17.04
C GLY A 323 7.52 -17.43 -17.37
N VAL A 324 8.56 -16.67 -17.72
CA VAL A 324 8.45 -15.23 -18.13
C VAL A 324 7.80 -15.14 -19.52
N ILE A 325 8.04 -16.12 -20.40
CA ILE A 325 7.34 -16.23 -21.73
C ILE A 325 5.87 -16.58 -21.46
N ARG A 326 5.62 -17.57 -20.59
CA ARG A 326 4.26 -17.99 -20.14
C ARG A 326 3.52 -16.81 -19.47
N MET A 327 4.26 -15.92 -18.79
CA MET A 327 3.73 -14.71 -18.10
C MET A 327 3.19 -13.71 -19.13
N LEU A 328 4.05 -13.22 -20.03
CA LEU A 328 3.79 -12.05 -20.91
C LEU A 328 2.87 -12.42 -22.10
N ARG A 329 2.66 -13.72 -22.36
CA ARG A 329 1.75 -14.18 -23.45
C ARG A 329 0.28 -14.11 -22.99
N LYS A 330 0.02 -14.06 -21.67
CA LYS A 330 -1.34 -13.86 -21.08
C LYS A 330 -1.77 -12.39 -21.26
N ASN A 331 -3.09 -12.16 -21.35
CA ASN A 331 -3.73 -10.82 -21.29
C ASN A 331 -4.18 -10.54 -19.85
N TYR A 332 -4.15 -9.27 -19.44
CA TYR A 332 -4.66 -8.77 -18.14
C TYR A 332 -5.73 -7.71 -18.41
N GLY A 333 -6.45 -7.30 -17.36
CA GLY A 333 -7.67 -6.46 -17.48
C GLY A 333 -7.34 -4.98 -17.61
N CYS A 334 -8.20 -4.11 -17.07
CA CYS A 334 -8.08 -2.63 -17.13
C CYS A 334 -7.15 -2.13 -16.01
N VAL A 335 -6.77 -0.84 -16.09
CA VAL A 335 -5.98 -0.11 -15.06
C VAL A 335 -6.61 1.27 -14.88
N ARG A 336 -6.59 1.79 -13.65
CA ARG A 336 -6.95 3.21 -13.35
C ARG A 336 -5.92 3.77 -12.35
N VAL A 337 -5.24 4.85 -12.77
CA VAL A 337 -4.27 5.65 -11.96
C VAL A 337 -5.00 6.92 -11.50
N ASP A 338 -5.09 7.14 -10.18
CA ASP A 338 -5.86 8.24 -9.56
C ASP A 338 -4.91 9.15 -8.75
N PHE A 339 -4.75 10.40 -9.18
CA PHE A 339 -3.93 11.44 -8.49
C PHE A 339 -4.82 12.18 -7.48
N ALA A 340 -4.47 12.13 -6.19
CA ALA A 340 -5.10 12.95 -5.12
C ALA A 340 -4.71 14.42 -5.31
N GLN A 341 -5.42 15.34 -4.65
CA GLN A 341 -5.17 16.80 -4.77
C GLN A 341 -3.78 17.12 -4.19
N PRO A 342 -2.86 17.75 -4.96
CA PRO A 342 -1.58 18.22 -4.42
C PRO A 342 -1.77 19.20 -3.26
N PHE A 343 -1.07 18.99 -2.14
CA PHE A 343 -1.07 19.87 -0.95
C PHE A 343 0.36 20.36 -0.67
N SER A 344 0.46 21.50 0.02
CA SER A 344 1.72 22.17 0.43
C SER A 344 2.23 21.56 1.74
N LEU A 345 3.44 20.96 1.72
CA LEU A 345 4.12 20.40 2.91
C LEU A 345 4.37 21.50 3.95
N LYS A 346 4.78 22.70 3.47
CA LYS A 346 5.03 23.90 4.31
C LYS A 346 3.80 24.17 5.19
N GLU A 347 2.61 24.26 4.59
CA GLU A 347 1.33 24.55 5.29
C GLU A 347 0.94 23.38 6.20
N TYR A 348 1.07 22.14 5.70
CA TYR A 348 0.79 20.90 6.46
C TYR A 348 1.62 20.88 7.75
N LEU A 349 2.92 21.21 7.67
CA LEU A 349 3.85 21.21 8.83
C LEU A 349 3.52 22.35 9.80
N GLU A 350 2.98 23.47 9.31
CA GLU A 350 2.43 24.56 10.17
C GLU A 350 1.17 24.05 10.88
N SER A 351 0.24 23.44 10.13
CA SER A 351 -1.06 22.89 10.61
C SER A 351 -0.84 21.95 11.82
N GLN A 352 0.23 21.15 11.83
CA GLN A 352 0.59 20.24 12.94
C GLN A 352 0.88 21.04 14.21
N SER A 353 1.48 22.23 14.08
CA SER A 353 1.88 23.12 15.21
C SER A 353 0.67 23.88 15.79
N GLN A 354 -0.53 23.73 15.18
CA GLN A 354 -1.80 24.33 15.67
C GLN A 354 -2.47 23.38 16.68
N LYS A 355 -2.13 22.09 16.67
CA LYS A 355 -2.64 21.05 17.61
C LYS A 355 -2.05 21.28 19.00
N PRO A 356 -2.85 21.68 20.02
CA PRO A 356 -2.32 21.98 21.36
C PRO A 356 -1.57 20.82 22.03
N VAL A 357 -2.12 19.60 21.96
CA VAL A 357 -1.55 18.35 22.55
C VAL A 357 -1.58 17.24 21.48
N SER A 358 -0.59 16.34 21.50
CA SER A 358 -0.40 15.22 20.54
C SER A 358 -0.89 13.90 21.15
N ALA A 359 -1.02 12.86 20.31
CA ALA A 359 -1.50 11.51 20.69
C ALA A 359 -0.34 10.70 21.27
N LEU A 360 -0.38 10.41 22.58
CA LEU A 360 0.66 9.67 23.34
C LEU A 360 0.21 8.25 23.70
N LEU A 361 -1.10 7.96 23.60
CA LEU A 361 -1.73 6.69 24.06
C LEU A 361 -1.05 5.48 23.39
N SER A 362 -0.68 4.48 24.19
CA SER A 362 -0.03 3.21 23.76
C SER A 362 -1.10 2.19 23.36
N LEU A 363 -0.80 1.34 22.37
CA LEU A 363 -1.71 0.26 21.87
C LEU A 363 -2.08 -0.66 23.02
N GLU A 364 -1.12 -1.00 23.88
CA GLU A 364 -1.33 -1.82 25.11
C GLU A 364 -2.22 -1.04 26.09
N GLN A 365 -1.87 0.22 26.37
CA GLN A 365 -2.51 1.07 27.41
C GLN A 365 -3.95 1.41 27.00
N ALA A 366 -4.24 1.39 25.70
CA ALA A 366 -5.61 1.52 25.15
C ALA A 366 -6.42 0.26 25.47
N LEU A 367 -5.86 -0.94 25.23
CA LEU A 367 -6.59 -2.23 25.24
C LEU A 367 -6.54 -2.87 26.64
N LEU A 368 -5.35 -3.26 27.10
CA LEU A 368 -5.15 -4.16 28.27
C LEU A 368 -5.94 -3.66 29.50
N PRO A 369 -5.87 -2.37 29.90
CA PRO A 369 -6.67 -1.87 31.02
C PRO A 369 -8.19 -2.05 30.86
N ALA A 370 -8.67 -2.16 29.61
CA ALA A 370 -10.09 -2.44 29.25
C ALA A 370 -10.34 -3.95 29.08
N ILE A 371 -9.31 -4.80 29.21
CA ILE A 371 -9.44 -6.29 29.11
C ILE A 371 -9.23 -6.93 30.49
N LEU A 372 -8.16 -6.53 31.20
CA LEU A 372 -7.58 -7.29 32.36
C LEU A 372 -7.61 -6.44 33.63
N PRO A 373 -8.72 -6.45 34.41
CA PRO A 373 -8.70 -5.95 35.79
C PRO A 373 -7.71 -6.72 36.69
N THR A 395 11.84 12.83 24.48
CA THR A 395 10.66 13.54 23.90
C THR A 395 11.09 14.36 22.67
N ASP A 396 12.18 15.14 22.80
CA ASP A 396 12.65 16.17 21.83
C ASP A 396 12.65 15.61 20.39
N GLU A 397 13.27 14.45 20.18
CA GLU A 397 13.34 13.75 18.87
C GLU A 397 12.13 12.83 18.67
N SER A 398 11.47 12.41 19.76
CA SER A 398 10.31 11.48 19.74
C SER A 398 9.08 12.16 19.11
N LEU A 399 8.86 13.45 19.42
CA LEU A 399 7.82 14.30 18.77
C LEU A 399 8.15 14.43 17.27
N ARG A 400 9.41 14.74 16.95
CA ARG A 400 9.94 14.90 15.56
C ARG A 400 9.79 13.58 14.78
N ARG A 401 9.92 12.43 15.47
CA ARG A 401 9.73 11.08 14.88
C ARG A 401 8.26 10.89 14.51
N ARG A 402 7.37 11.04 15.50
CA ARG A 402 5.88 10.93 15.37
C ARG A 402 5.38 11.88 14.27
N LEU A 403 5.87 13.13 14.27
CA LEU A 403 5.47 14.21 13.31
C LEU A 403 5.63 13.71 11.87
N ILE A 404 6.81 13.20 11.52
CA ILE A 404 7.16 12.71 10.15
C ILE A 404 6.52 11.32 9.93
N ALA A 405 6.43 10.50 10.98
CA ALA A 405 5.82 9.14 10.94
C ALA A 405 4.33 9.22 10.56
N ASN A 406 3.60 10.19 11.13
CA ASN A 406 2.14 10.37 10.88
C ASN A 406 1.89 10.84 9.44
N LEU A 407 2.72 11.77 8.95
CA LEU A 407 2.66 12.30 7.55
C LEU A 407 2.61 11.13 6.56
N ALA A 408 3.55 10.18 6.69
CA ALA A 408 3.68 8.98 5.83
C ALA A 408 2.37 8.19 5.80
N GLU A 409 1.73 8.00 6.97
CA GLU A 409 0.45 7.27 7.12
C GLU A 409 -0.69 8.08 6.48
N HIS A 410 -0.74 9.39 6.79
CA HIS A 410 -1.71 10.36 6.23
C HIS A 410 -1.65 10.34 4.70
N ILE A 411 -0.45 10.23 4.12
CA ILE A 411 -0.23 10.16 2.64
C ILE A 411 -0.79 8.83 2.11
N LEU A 412 -0.30 7.70 2.64
CA LEU A 412 -0.71 6.33 2.19
C LEU A 412 -2.22 6.14 2.32
N PHE A 413 -2.84 6.69 3.37
CA PHE A 413 -4.33 6.67 3.54
C PHE A 413 -4.98 7.42 2.36
N THR A 414 -4.57 8.67 2.13
CA THR A 414 -5.08 9.55 1.05
C THR A 414 -4.92 8.87 -0.31
N ALA A 415 -3.75 8.27 -0.56
CA ALA A 415 -3.42 7.51 -1.79
C ALA A 415 -4.37 6.30 -1.90
N SER A 416 -4.35 5.41 -0.91
CA SER A 416 -5.17 4.17 -0.85
C SER A 416 -6.66 4.50 -1.04
N LYS A 417 -7.13 5.64 -0.50
CA LYS A 417 -8.55 6.05 -0.57
C LYS A 417 -8.85 6.74 -1.91
N SER A 418 -7.87 6.89 -2.81
CA SER A 418 -8.06 7.35 -4.21
C SER A 418 -8.22 6.17 -5.16
N CYS A 419 -7.51 5.05 -4.91
CA CYS A 419 -7.53 3.81 -5.73
C CYS A 419 -8.96 3.41 -6.09
N ALA A 420 -9.23 3.23 -7.40
CA ALA A 420 -10.55 2.89 -7.96
C ALA A 420 -10.85 1.40 -7.73
N ILE A 421 -12.08 1.08 -7.32
CA ILE A 421 -12.55 -0.33 -7.14
C ILE A 421 -12.74 -0.94 -8.54
N MET A 422 -12.26 -2.16 -8.74
CA MET A 422 -12.30 -2.88 -10.05
C MET A 422 -13.44 -3.92 -10.04
N SER A 423 -13.64 -4.61 -11.16
CA SER A 423 -14.68 -5.65 -11.34
C SER A 423 -14.30 -6.91 -10.54
N THR A 424 -13.06 -7.39 -10.72
CA THR A 424 -12.43 -8.53 -9.99
C THR A 424 -12.59 -8.33 -8.48
N HIS A 425 -12.27 -7.11 -8.01
CA HIS A 425 -12.37 -6.67 -6.59
C HIS A 425 -13.78 -6.95 -6.06
N ILE A 426 -14.81 -6.54 -6.80
CA ILE A 426 -16.25 -6.68 -6.41
C ILE A 426 -16.67 -8.15 -6.54
N VAL A 427 -16.28 -8.83 -7.63
CA VAL A 427 -16.62 -10.26 -7.89
C VAL A 427 -16.08 -11.14 -6.76
N ALA A 428 -14.78 -11.01 -6.44
CA ALA A 428 -14.08 -11.79 -5.38
C ALA A 428 -14.76 -11.59 -4.03
N CYS A 429 -15.03 -10.33 -3.67
CA CYS A 429 -15.72 -9.89 -2.42
C CYS A 429 -17.06 -10.62 -2.25
N LEU A 430 -17.87 -10.69 -3.31
CA LEU A 430 -19.16 -11.44 -3.34
C LEU A 430 -18.89 -12.94 -3.20
N LEU A 431 -18.05 -13.49 -4.09
CA LEU A 431 -17.76 -14.95 -4.18
C LEU A 431 -17.27 -15.49 -2.83
N LEU A 432 -16.37 -14.79 -2.14
CA LEU A 432 -15.74 -15.29 -0.88
C LEU A 432 -16.74 -15.27 0.29
N TYR A 433 -17.45 -14.15 0.49
CA TYR A 433 -18.21 -13.84 1.74
C TYR A 433 -19.73 -13.88 1.50
N ARG A 434 -20.22 -13.29 0.41
CA ARG A 434 -21.67 -13.17 0.13
C ARG A 434 -22.27 -14.53 -0.21
N HIS A 435 -21.51 -15.42 -0.88
CA HIS A 435 -21.99 -16.73 -1.38
C HIS A 435 -21.13 -17.89 -0.86
N ARG A 436 -19.88 -18.04 -1.35
CA ARG A 436 -18.92 -19.10 -0.95
C ARG A 436 -19.38 -20.47 -1.47
N GLN A 437 -20.58 -20.91 -1.08
CA GLN A 437 -21.25 -22.14 -1.60
C GLN A 437 -21.24 -22.11 -3.14
N GLY A 438 -21.46 -20.92 -3.72
CA GLY A 438 -21.45 -20.69 -5.18
C GLY A 438 -22.85 -20.60 -5.73
N ILE A 439 -23.06 -19.76 -6.75
CA ILE A 439 -24.41 -19.35 -7.24
C ILE A 439 -24.40 -19.36 -8.78
N ASP A 440 -25.59 -19.40 -9.38
CA ASP A 440 -25.81 -19.23 -10.84
C ASP A 440 -25.67 -17.74 -11.20
N LEU A 441 -25.20 -17.46 -12.42
CA LEU A 441 -24.71 -16.14 -12.90
C LEU A 441 -25.70 -15.01 -12.55
N SER A 442 -26.98 -15.19 -12.94
CA SER A 442 -28.07 -14.17 -12.87
C SER A 442 -28.10 -13.46 -11.51
N THR A 443 -28.02 -14.23 -10.42
CA THR A 443 -28.03 -13.72 -9.02
C THR A 443 -26.77 -12.88 -8.77
N LEU A 444 -25.60 -13.33 -9.23
CA LEU A 444 -24.31 -12.61 -9.09
C LEU A 444 -24.35 -11.31 -9.92
N VAL A 445 -24.94 -11.36 -11.11
CA VAL A 445 -25.12 -10.18 -12.03
C VAL A 445 -25.99 -9.13 -11.33
N GLU A 446 -27.09 -9.55 -10.70
CA GLU A 446 -28.05 -8.64 -9.98
C GLU A 446 -27.38 -8.06 -8.72
N ASP A 447 -26.55 -8.84 -8.04
CA ASP A 447 -25.76 -8.41 -6.84
C ASP A 447 -24.69 -7.40 -7.27
N PHE A 448 -23.95 -7.70 -8.36
CA PHE A 448 -22.85 -6.86 -8.90
C PHE A 448 -23.36 -5.44 -9.20
N PHE A 449 -24.62 -5.29 -9.61
CA PHE A 449 -25.31 -3.97 -9.75
C PHE A 449 -25.48 -3.33 -8.35
N VAL A 450 -25.99 -4.10 -7.38
CA VAL A 450 -26.34 -3.61 -6.01
C VAL A 450 -25.06 -3.13 -5.30
N MET A 451 -23.98 -3.92 -5.34
CA MET A 451 -22.67 -3.60 -4.71
C MET A 451 -22.09 -2.32 -5.36
N LYS A 452 -22.04 -2.28 -6.70
CA LYS A 452 -21.57 -1.12 -7.50
C LYS A 452 -22.15 0.19 -6.93
N GLU A 453 -23.46 0.22 -6.64
CA GLU A 453 -24.18 1.40 -6.07
C GLU A 453 -23.70 1.66 -4.64
N GLU A 454 -23.48 0.61 -3.83
CA GLU A 454 -22.96 0.70 -2.44
C GLU A 454 -21.59 1.40 -2.46
N VAL A 455 -20.74 1.13 -3.46
CA VAL A 455 -19.38 1.72 -3.60
C VAL A 455 -19.51 3.20 -4.02
N LEU A 456 -20.30 3.50 -5.06
CA LEU A 456 -20.52 4.87 -5.60
C LEU A 456 -21.16 5.76 -4.51
N ALA A 457 -22.16 5.25 -3.78
CA ALA A 457 -22.89 5.97 -2.71
C ALA A 457 -21.96 6.37 -1.56
N ARG A 458 -20.80 5.70 -1.39
CA ARG A 458 -19.74 6.06 -0.40
C ARG A 458 -18.64 6.90 -1.06
N ASP A 459 -18.86 7.40 -2.28
CA ASP A 459 -17.98 8.36 -3.00
C ASP A 459 -16.62 7.69 -3.28
N PHE A 460 -16.63 6.65 -4.13
CA PHE A 460 -15.41 5.93 -4.62
C PHE A 460 -15.51 5.76 -6.15
N ASP A 461 -14.36 5.67 -6.81
CA ASP A 461 -14.23 5.51 -8.28
C ASP A 461 -14.37 4.02 -8.62
N LEU A 462 -15.03 3.73 -9.75
CA LEU A 462 -15.08 2.38 -10.39
C LEU A 462 -14.12 2.36 -11.58
N GLY A 463 -13.38 1.27 -11.75
CA GLY A 463 -12.47 1.04 -12.90
C GLY A 463 -13.13 0.12 -13.92
N PHE A 464 -14.38 0.41 -14.31
CA PHE A 464 -15.22 -0.40 -15.22
C PHE A 464 -16.55 0.33 -15.48
N SER A 465 -17.17 0.04 -16.63
CA SER A 465 -18.52 0.54 -17.02
C SER A 465 -19.10 -0.32 -18.15
N GLY A 466 -20.42 -0.28 -18.31
CA GLY A 466 -21.17 -1.00 -19.37
C GLY A 466 -22.15 -2.00 -18.77
N ASN A 467 -22.26 -3.18 -19.39
CA ASN A 467 -23.24 -4.24 -19.01
C ASN A 467 -22.65 -5.10 -17.89
N SER A 468 -23.29 -5.06 -16.72
CA SER A 468 -22.96 -5.84 -15.49
C SER A 468 -22.62 -7.28 -15.87
N GLU A 469 -23.49 -7.92 -16.67
CA GLU A 469 -23.30 -9.28 -17.26
C GLU A 469 -21.88 -9.42 -17.83
N ASP A 470 -21.52 -8.51 -18.74
CA ASP A 470 -20.27 -8.54 -19.53
C ASP A 470 -19.08 -8.20 -18.62
N VAL A 471 -19.25 -7.22 -17.72
CA VAL A 471 -18.19 -6.79 -16.75
C VAL A 471 -17.88 -7.93 -15.77
N VAL A 472 -18.89 -8.68 -15.32
CA VAL A 472 -18.70 -9.90 -14.47
C VAL A 472 -18.08 -11.00 -15.34
N MET A 473 -18.67 -11.29 -16.51
CA MET A 473 -18.20 -12.35 -17.45
C MET A 473 -16.72 -12.15 -17.79
N HIS A 474 -16.29 -10.90 -17.99
CA HIS A 474 -14.86 -10.52 -18.17
C HIS A 474 -14.05 -10.88 -16.92
N ALA A 475 -14.57 -10.52 -15.73
CA ALA A 475 -13.89 -10.63 -14.42
C ALA A 475 -13.73 -12.10 -14.01
N ILE A 476 -14.69 -12.97 -14.36
CA ILE A 476 -14.62 -14.44 -14.12
C ILE A 476 -13.36 -14.99 -14.80
N GLN A 477 -13.18 -14.66 -16.09
CA GLN A 477 -12.10 -15.19 -16.96
C GLN A 477 -10.71 -14.76 -16.46
N LEU A 478 -10.62 -13.76 -15.58
CA LEU A 478 -9.36 -13.38 -14.88
C LEU A 478 -9.18 -14.25 -13.62
N LEU A 479 -10.27 -14.61 -12.94
CA LEU A 479 -10.27 -15.48 -11.72
C LEU A 479 -10.48 -16.95 -12.10
N GLY A 480 -10.38 -17.30 -13.40
CA GLY A 480 -10.55 -18.66 -13.95
C GLY A 480 -9.79 -19.74 -13.19
N ASN A 481 -8.64 -19.41 -12.58
CA ASN A 481 -7.84 -20.32 -11.73
C ASN A 481 -8.63 -20.68 -10.45
N CYS A 482 -9.18 -19.68 -9.76
CA CYS A 482 -9.91 -19.84 -8.47
C CYS A 482 -11.34 -20.33 -8.70
N VAL A 483 -12.01 -19.78 -9.72
CA VAL A 483 -13.46 -19.98 -10.01
C VAL A 483 -13.63 -21.24 -10.86
N THR A 484 -14.67 -22.04 -10.59
CA THR A 484 -15.06 -23.24 -11.38
C THR A 484 -16.43 -23.01 -12.01
N ILE A 485 -16.52 -23.02 -13.35
CA ILE A 485 -17.74 -22.68 -14.14
C ILE A 485 -18.32 -23.97 -14.70
N THR A 486 -19.51 -24.37 -14.22
CA THR A 486 -20.19 -25.66 -14.53
C THR A 486 -21.60 -25.39 -15.07
N HIS A 487 -22.31 -26.45 -15.48
CA HIS A 487 -23.70 -26.43 -16.00
C HIS A 487 -24.62 -27.16 -15.01
N THR A 488 -25.75 -26.52 -14.63
CA THR A 488 -26.77 -27.03 -13.66
C THR A 488 -27.93 -27.66 -14.43
N SER A 489 -28.67 -28.57 -13.77
CA SER A 489 -29.80 -29.38 -14.31
C SER A 489 -30.93 -28.49 -14.84
N ARG A 490 -31.39 -28.76 -16.07
CA ARG A 490 -32.62 -28.19 -16.70
C ARG A 490 -32.48 -26.66 -16.84
N ASN A 491 -31.26 -26.18 -17.08
CA ASN A 491 -30.92 -24.73 -17.22
C ASN A 491 -30.05 -24.53 -18.46
N ASP A 492 -30.22 -23.37 -19.13
CA ASP A 492 -29.29 -22.83 -20.15
C ASP A 492 -28.25 -21.93 -19.45
N GLU A 493 -28.48 -21.59 -18.17
CA GLU A 493 -27.61 -20.70 -17.35
C GLU A 493 -26.51 -21.53 -16.66
N PHE A 494 -25.33 -20.93 -16.52
CA PHE A 494 -24.08 -21.58 -16.00
C PHE A 494 -23.90 -21.22 -14.51
N PHE A 495 -23.37 -22.18 -13.74
CA PHE A 495 -23.15 -22.08 -12.26
C PHE A 495 -21.73 -21.64 -11.98
N ILE A 496 -21.51 -20.93 -10.86
CA ILE A 496 -20.20 -20.32 -10.49
C ILE A 496 -19.93 -20.58 -9.00
N THR A 497 -18.95 -21.46 -8.70
CA THR A 497 -18.40 -21.70 -7.34
C THR A 497 -16.93 -21.29 -7.33
N PRO A 498 -16.46 -20.62 -6.25
CA PRO A 498 -15.03 -20.39 -6.04
C PRO A 498 -14.33 -21.58 -5.33
N SER A 499 -12.99 -21.63 -5.42
CA SER A 499 -12.13 -22.62 -4.73
C SER A 499 -12.10 -22.31 -3.22
N THR A 500 -12.14 -23.35 -2.38
CA THR A 500 -11.94 -23.29 -0.90
C THR A 500 -10.74 -24.17 -0.52
N THR A 501 -9.75 -24.27 -1.41
CA THR A 501 -8.52 -25.09 -1.24
C THR A 501 -7.47 -24.26 -0.50
N VAL A 502 -6.30 -24.85 -0.20
CA VAL A 502 -5.20 -24.18 0.56
C VAL A 502 -4.56 -23.09 -0.31
N PRO A 503 -4.12 -23.37 -1.56
CA PRO A 503 -3.38 -22.39 -2.35
C PRO A 503 -4.24 -21.40 -3.17
N SER A 504 -5.38 -21.84 -3.71
CA SER A 504 -6.23 -21.08 -4.66
C SER A 504 -6.93 -19.91 -3.96
N VAL A 505 -7.48 -20.14 -2.77
CA VAL A 505 -8.25 -19.15 -1.96
C VAL A 505 -7.45 -17.84 -1.85
N PHE A 506 -6.17 -17.94 -1.49
CA PHE A 506 -5.26 -16.77 -1.23
C PHE A 506 -5.32 -15.77 -2.39
N GLU A 507 -5.43 -16.27 -3.64
CA GLU A 507 -5.58 -15.45 -4.87
C GLU A 507 -6.92 -14.69 -4.83
N LEU A 508 -8.01 -15.39 -4.53
CA LEU A 508 -9.37 -14.77 -4.37
C LEU A 508 -9.31 -13.71 -3.26
N ASN A 509 -8.75 -14.05 -2.09
CA ASN A 509 -8.62 -13.17 -0.91
C ASN A 509 -7.80 -11.92 -1.27
N PHE A 510 -6.65 -12.12 -1.92
CA PHE A 510 -5.74 -11.05 -2.39
C PHE A 510 -6.52 -10.02 -3.21
N TYR A 511 -7.26 -10.46 -4.22
CA TYR A 511 -8.05 -9.57 -5.12
C TYR A 511 -9.27 -9.02 -4.37
N SER A 512 -9.84 -9.79 -3.43
CA SER A 512 -11.00 -9.40 -2.59
C SER A 512 -10.62 -8.22 -1.68
N ASN A 513 -9.41 -8.23 -1.11
CA ASN A 513 -8.89 -7.15 -0.21
C ASN A 513 -8.93 -5.77 -0.90
N GLY A 514 -9.05 -5.73 -2.23
CA GLY A 514 -9.27 -4.50 -3.03
C GLY A 514 -10.44 -3.67 -2.53
N VAL A 515 -11.54 -4.31 -2.09
CA VAL A 515 -12.79 -3.64 -1.63
C VAL A 515 -12.77 -3.43 -0.10
N LEU A 516 -12.05 -4.28 0.65
CA LEU A 516 -12.02 -4.30 2.15
C LEU A 516 -12.02 -2.88 2.72
N HIS A 517 -11.18 -1.99 2.18
CA HIS A 517 -10.92 -0.63 2.72
C HIS A 517 -12.15 0.29 2.59
N VAL A 518 -13.10 -0.04 1.71
CA VAL A 518 -14.38 0.71 1.55
C VAL A 518 -15.29 0.43 2.76
N PHE A 519 -15.35 -0.83 3.21
CA PHE A 519 -16.31 -1.34 4.23
C PHE A 519 -15.65 -1.54 5.60
N ILE A 520 -14.31 -1.46 5.69
CA ILE A 520 -13.49 -1.82 6.89
C ILE A 520 -14.10 -1.22 8.16
N MET A 521 -14.57 0.04 8.11
CA MET A 521 -15.15 0.75 9.29
C MET A 521 -16.48 0.09 9.67
N GLU A 522 -17.44 0.09 8.75
CA GLU A 522 -18.82 -0.44 8.97
C GLU A 522 -18.75 -1.88 9.48
N ALA A 523 -17.77 -2.65 9.01
CA ALA A 523 -17.47 -4.04 9.43
C ALA A 523 -17.07 -4.11 10.92
N ILE A 524 -16.23 -3.17 11.38
CA ILE A 524 -15.80 -3.09 12.82
C ILE A 524 -17.05 -2.88 13.68
N ILE A 525 -17.89 -1.91 13.31
CA ILE A 525 -19.17 -1.59 14.01
C ILE A 525 -20.11 -2.79 13.92
N ALA A 526 -20.14 -3.49 12.78
CA ALA A 526 -20.98 -4.70 12.53
C ALA A 526 -20.54 -5.86 13.42
N CYS A 527 -19.22 -6.03 13.61
CA CYS A 527 -18.65 -7.06 14.54
C CYS A 527 -18.94 -6.67 15.99
N SER A 528 -18.66 -5.41 16.34
CA SER A 528 -18.88 -4.85 17.70
C SER A 528 -20.36 -4.91 18.09
N LEU A 529 -21.26 -4.68 17.13
CA LEU A 529 -22.74 -4.81 17.30
C LEU A 529 -23.07 -6.21 17.80
N TYR A 530 -22.59 -7.24 17.09
CA TYR A 530 -22.73 -8.68 17.45
C TYR A 530 -22.04 -8.93 18.80
N ALA A 531 -20.87 -8.33 19.04
CA ALA A 531 -20.07 -8.49 20.28
C ALA A 531 -20.87 -8.02 21.50
N VAL A 532 -21.36 -6.77 21.47
CA VAL A 532 -22.05 -6.11 22.62
C VAL A 532 -23.30 -6.91 23.03
N LEU A 533 -24.04 -7.45 22.05
CA LEU A 533 -25.31 -8.19 22.26
C LEU A 533 -25.08 -9.40 23.17
N ASN A 534 -24.04 -10.21 22.91
CA ASN A 534 -23.70 -11.43 23.69
C ASN A 534 -22.95 -11.02 24.97
N LEU A 548 -31.58 -3.48 21.78
CA LEU A 548 -31.53 -2.37 22.78
C LEU A 548 -30.09 -2.14 23.26
N ILE A 549 -29.19 -1.76 22.34
CA ILE A 549 -27.73 -1.53 22.59
C ILE A 549 -27.55 -0.10 23.12
N SER A 550 -26.78 0.04 24.21
CA SER A 550 -26.29 1.34 24.75
C SER A 550 -25.17 1.86 23.83
N GLN A 551 -25.37 3.04 23.23
CA GLN A 551 -24.50 3.58 22.13
C GLN A 551 -23.06 3.75 22.64
N GLU A 552 -22.88 4.19 23.88
CA GLU A 552 -21.56 4.48 24.49
C GLU A 552 -20.72 3.18 24.48
N GLN A 553 -21.33 2.08 24.91
CA GLN A 553 -20.72 0.72 24.97
C GLN A 553 -20.27 0.29 23.57
N LEU A 554 -21.11 0.52 22.54
CA LEU A 554 -20.83 0.13 21.13
C LEU A 554 -19.59 0.88 20.62
N VAL A 555 -19.56 2.21 20.81
CA VAL A 555 -18.42 3.09 20.42
C VAL A 555 -17.17 2.65 21.21
N ARG A 556 -17.29 2.52 22.54
CA ARG A 556 -16.18 2.09 23.45
C ARG A 556 -15.62 0.73 23.02
N LYS A 557 -16.49 -0.22 22.65
CA LYS A 557 -16.13 -1.60 22.24
C LYS A 557 -15.49 -1.57 20.84
N ALA A 558 -16.10 -0.84 19.90
CA ALA A 558 -15.61 -0.64 18.51
C ALA A 558 -14.21 -0.03 18.54
N ALA A 559 -14.02 1.02 19.35
CA ALA A 559 -12.75 1.77 19.53
C ALA A 559 -11.52 0.89 19.80
N SER A 560 -11.66 -0.18 20.59
CA SER A 560 -10.63 -1.22 20.84
C SER A 560 -10.37 -2.14 19.63
N LEU A 561 -11.46 -2.55 18.97
CA LEU A 561 -11.44 -3.47 17.79
C LEU A 561 -10.63 -2.73 16.71
N CYS A 562 -10.58 -1.39 16.75
CA CYS A 562 -9.67 -0.55 15.93
C CYS A 562 -8.23 -0.69 16.43
N TYR A 563 -7.99 -0.54 17.74
CA TYR A 563 -6.65 -0.66 18.37
C TYR A 563 -6.11 -2.09 18.17
N LEU A 564 -6.99 -3.09 18.16
CA LEU A 564 -6.64 -4.52 17.93
C LEU A 564 -6.19 -4.71 16.47
N LEU A 565 -7.05 -4.33 15.52
CA LEU A 565 -6.78 -4.46 14.05
C LEU A 565 -5.91 -3.30 13.54
N SER A 566 -5.32 -2.50 14.44
CA SER A 566 -4.40 -1.37 14.14
C SER A 566 -3.38 -1.76 13.06
N ASN A 567 -2.59 -2.80 13.33
CA ASN A 567 -1.44 -3.23 12.50
C ASN A 567 -1.90 -3.69 11.12
N GLU A 568 -3.11 -4.29 11.04
CA GLU A 568 -3.67 -4.91 9.80
C GLU A 568 -3.72 -3.87 8.66
N GLY A 569 -4.01 -2.60 8.97
CA GLY A 569 -4.03 -1.51 7.98
C GLY A 569 -4.62 -0.23 8.54
N THR A 570 -4.40 0.90 7.86
CA THR A 570 -4.93 2.24 8.26
C THR A 570 -6.45 2.22 8.09
N ILE A 571 -7.17 2.58 9.16
CA ILE A 571 -8.65 2.55 9.25
C ILE A 571 -9.17 3.96 8.94
N SER A 572 -8.54 4.99 9.53
CA SER A 572 -8.88 6.43 9.34
C SER A 572 -7.61 7.28 9.35
N LEU A 573 -7.77 8.60 9.13
CA LEU A 573 -6.68 9.61 9.12
C LEU A 573 -6.02 9.68 10.50
N PRO A 574 -4.67 9.73 10.60
CA PRO A 574 -3.99 9.81 11.91
C PRO A 574 -4.29 11.05 12.76
N CYS A 575 -4.81 12.12 12.16
CA CYS A 575 -5.03 13.45 12.82
C CYS A 575 -6.25 13.45 13.74
N GLN A 576 -7.08 12.39 13.74
CA GLN A 576 -8.27 12.24 14.64
C GLN A 576 -8.25 10.87 15.34
N THR A 577 -8.90 10.77 16.50
CA THR A 577 -8.93 9.57 17.39
C THR A 577 -10.02 8.60 16.93
N PHE A 578 -9.83 7.30 17.19
CA PHE A 578 -10.72 6.19 16.76
C PHE A 578 -12.14 6.43 17.28
N TYR A 579 -12.27 6.79 18.56
CA TYR A 579 -13.54 7.16 19.25
C TYR A 579 -14.44 7.95 18.29
N GLN A 580 -13.89 9.03 17.73
CA GLN A 580 -14.59 9.98 16.81
C GLN A 580 -14.99 9.25 15.52
N VAL A 581 -14.09 8.42 14.97
CA VAL A 581 -14.27 7.67 13.69
C VAL A 581 -15.43 6.68 13.88
N CYS A 582 -15.43 5.94 15.00
CA CYS A 582 -16.49 4.98 15.40
C CYS A 582 -17.81 5.73 15.67
N HIS A 583 -17.75 6.86 16.39
CA HIS A 583 -18.92 7.74 16.65
C HIS A 583 -19.56 8.16 15.32
N GLU A 584 -18.74 8.61 14.37
CA GLU A 584 -19.17 9.01 13.01
C GLU A 584 -19.81 7.83 12.27
N THR A 585 -19.22 6.63 12.37
CA THR A 585 -19.64 5.40 11.63
C THR A 585 -20.92 4.83 12.26
N VAL A 586 -21.11 4.95 13.57
CA VAL A 586 -22.42 4.71 14.25
C VAL A 586 -23.41 5.78 13.74
N GLY A 587 -22.97 7.05 13.69
CA GLY A 587 -23.71 8.17 13.08
C GLY A 587 -24.16 7.89 11.65
N LYS A 588 -23.39 7.11 10.88
CA LYS A 588 -23.73 6.71 9.48
C LYS A 588 -24.84 5.64 9.47
N PHE A 589 -24.81 4.68 10.40
CA PHE A 589 -25.76 3.54 10.47
C PHE A 589 -27.19 4.07 10.74
N ILE A 590 -27.32 5.15 11.51
CA ILE A 590 -28.64 5.82 11.79
C ILE A 590 -29.10 6.60 10.55
N GLN A 591 -28.16 7.13 9.74
CA GLN A 591 -28.45 7.85 8.47
C GLN A 591 -28.90 6.84 7.40
N TYR A 592 -28.21 5.69 7.29
CA TYR A 592 -28.64 4.53 6.47
C TYR A 592 -29.98 3.98 6.99
N GLY A 593 -30.14 3.95 8.32
CA GLY A 593 -31.36 3.47 9.00
C GLY A 593 -31.30 2.00 9.37
N ILE A 594 -30.10 1.49 9.69
CA ILE A 594 -29.87 0.10 10.18
C ILE A 594 -30.04 0.10 11.70
N LEU A 595 -29.54 1.14 12.38
CA LEU A 595 -29.78 1.45 13.82
C LEU A 595 -30.72 2.67 13.91
N THR A 596 -31.52 2.74 14.98
CA THR A 596 -32.43 3.87 15.32
C THR A 596 -32.56 4.00 16.84
N VAL A 597 -32.91 5.19 17.32
CA VAL A 597 -33.04 5.52 18.77
C VAL A 597 -34.34 4.89 19.30
N ALA A 598 -34.32 4.40 20.55
CA ALA A 598 -35.44 3.70 21.22
C ALA A 598 -36.74 4.50 21.09
N ASP A 642 -26.22 9.78 27.14
CA ASP A 642 -26.38 8.32 26.88
C ASP A 642 -27.56 8.09 25.93
N CYS A 643 -27.44 7.12 25.03
CA CYS A 643 -28.43 6.78 23.97
C CYS A 643 -28.61 5.25 23.88
N TYR A 644 -29.85 4.81 23.62
CA TYR A 644 -30.25 3.38 23.48
C TYR A 644 -30.78 3.13 22.06
N LEU A 645 -29.93 2.52 21.22
CA LEU A 645 -30.21 2.20 19.79
C LEU A 645 -30.81 0.79 19.71
N LYS A 646 -31.58 0.52 18.64
CA LYS A 646 -32.12 -0.84 18.34
C LYS A 646 -31.79 -1.20 16.88
N VAL A 647 -31.35 -2.45 16.67
CA VAL A 647 -30.99 -3.00 15.33
C VAL A 647 -32.30 -3.24 14.57
N SER A 648 -32.39 -2.76 13.33
CA SER A 648 -33.55 -2.97 12.42
C SER A 648 -33.65 -4.46 12.07
N GLN A 649 -34.69 -5.14 12.55
CA GLN A 649 -34.92 -6.60 12.33
C GLN A 649 -35.56 -6.80 10.96
N SER A 650 -34.83 -6.42 9.90
CA SER A 650 -35.23 -6.47 8.48
C SER A 650 -34.26 -7.41 7.73
N LYS A 651 -34.79 -8.34 6.94
CA LYS A 651 -34.02 -9.36 6.16
C LYS A 651 -32.78 -8.71 5.52
N GLU A 652 -33.00 -7.67 4.70
CA GLU A 652 -31.98 -6.94 3.91
C GLU A 652 -30.88 -6.37 4.83
N HIS A 653 -31.28 -5.77 5.96
CA HIS A 653 -30.37 -5.14 6.95
C HIS A 653 -29.58 -6.23 7.68
N GLN A 654 -30.25 -7.30 8.10
CA GLN A 654 -29.64 -8.46 8.80
C GLN A 654 -28.60 -9.13 7.89
N GLN A 655 -28.95 -9.42 6.63
CA GLN A 655 -28.02 -10.09 5.67
C GLN A 655 -26.80 -9.18 5.43
N PHE A 656 -26.99 -7.86 5.40
CA PHE A 656 -25.91 -6.84 5.27
C PHE A 656 -25.02 -6.87 6.52
N ILE A 657 -25.64 -6.82 7.71
CA ILE A 657 -24.94 -6.94 9.03
C ILE A 657 -24.09 -8.23 9.02
N THR A 658 -24.67 -9.36 8.61
CA THR A 658 -23.98 -10.68 8.60
C THR A 658 -22.90 -10.73 7.52
N PHE A 659 -23.11 -10.10 6.36
CA PHE A 659 -22.08 -9.92 5.31
C PHE A 659 -20.89 -9.14 5.91
N LEU A 660 -21.17 -7.99 6.52
CA LEU A 660 -20.16 -7.12 7.18
C LEU A 660 -19.44 -7.87 8.31
N GLN A 661 -20.17 -8.68 9.10
CA GLN A 661 -19.61 -9.56 10.15
C GLN A 661 -18.65 -10.58 9.52
N ARG A 662 -19.15 -11.35 8.54
CA ARG A 662 -18.37 -12.38 7.78
C ARG A 662 -17.10 -11.77 7.18
N LEU A 663 -17.20 -10.56 6.61
CA LEU A 663 -16.11 -9.87 5.86
C LEU A 663 -14.80 -9.81 6.68
N LEU A 664 -14.88 -9.64 8.01
CA LEU A 664 -13.69 -9.55 8.92
C LEU A 664 -13.31 -10.93 9.49
N GLY A 665 -13.91 -12.03 9.01
CA GLY A 665 -13.70 -13.40 9.52
C GLY A 665 -12.23 -13.83 9.50
N PRO A 666 -11.58 -13.87 8.32
CA PRO A 666 -10.16 -14.19 8.20
C PRO A 666 -9.21 -13.36 9.09
N LEU A 667 -9.51 -12.06 9.25
CA LEU A 667 -8.65 -11.06 9.95
C LEU A 667 -8.78 -11.23 11.47
N LEU A 668 -9.87 -11.81 11.96
CA LEU A 668 -10.09 -12.15 13.39
C LEU A 668 -9.64 -13.59 13.65
N GLU A 669 -10.01 -14.54 12.78
CA GLU A 669 -9.71 -16.00 12.93
C GLU A 669 -8.21 -16.21 13.14
N ALA A 670 -7.38 -15.59 12.30
CA ALA A 670 -5.90 -15.62 12.36
C ALA A 670 -5.40 -15.10 13.71
N TYR A 671 -5.94 -13.97 14.18
CA TYR A 671 -5.60 -13.30 15.46
C TYR A 671 -6.04 -14.18 16.65
N SER A 672 -7.15 -14.91 16.51
CA SER A 672 -7.67 -15.87 17.51
C SER A 672 -6.72 -17.08 17.58
N SER A 673 -6.55 -17.77 16.44
CA SER A 673 -5.74 -19.00 16.30
C SER A 673 -4.24 -18.70 16.52
N ALA A 674 -3.83 -17.43 16.44
CA ALA A 674 -2.51 -16.96 16.89
C ALA A 674 -2.41 -17.11 18.42
N ALA A 675 -3.44 -16.67 19.15
CA ALA A 675 -3.47 -16.70 20.64
C ALA A 675 -3.65 -18.14 21.15
N ILE A 676 -4.29 -19.02 20.36
CA ILE A 676 -4.44 -20.48 20.65
C ILE A 676 -3.05 -21.13 20.70
N PHE A 677 -2.10 -20.63 19.89
CA PHE A 677 -0.70 -21.12 19.83
C PHE A 677 0.11 -20.59 21.03
N VAL A 678 -0.19 -19.37 21.48
CA VAL A 678 0.50 -18.69 22.63
C VAL A 678 0.20 -19.46 23.93
N HIS A 679 -1.04 -19.94 24.10
CA HIS A 679 -1.52 -20.77 25.23
C HIS A 679 -0.43 -21.75 25.72
N ASN A 680 0.31 -22.36 24.79
CA ASN A 680 1.48 -23.23 25.08
C ASN A 680 2.70 -22.65 24.35
N PHE A 681 3.49 -21.83 25.04
CA PHE A 681 4.72 -21.15 24.53
C PHE A 681 5.91 -21.51 25.42
N SER A 682 6.90 -22.24 24.86
CA SER A 682 8.05 -22.84 25.59
C SER A 682 9.34 -22.07 25.30
N GLY A 683 9.80 -21.28 26.27
CA GLY A 683 11.15 -20.66 26.30
C GLY A 683 11.33 -19.54 25.27
N PRO A 684 12.41 -18.74 25.36
CA PRO A 684 12.71 -17.72 24.36
C PRO A 684 13.23 -18.34 23.04
N VAL A 685 12.77 -17.83 21.89
CA VAL A 685 13.09 -18.35 20.52
C VAL A 685 13.24 -17.16 19.57
N PRO A 686 14.20 -17.20 18.61
CA PRO A 686 14.29 -16.17 17.56
C PRO A 686 13.00 -16.07 16.72
N GLU A 687 12.57 -14.85 16.38
CA GLU A 687 11.27 -14.56 15.71
C GLU A 687 11.23 -15.25 14.34
N PRO A 688 12.23 -15.09 13.45
CA PRO A 688 12.19 -15.73 12.13
C PRO A 688 12.05 -17.26 12.18
N GLU A 689 12.49 -17.90 13.28
CA GLU A 689 12.29 -19.36 13.56
C GLU A 689 10.87 -19.59 14.09
N TYR A 690 10.33 -18.66 14.90
CA TYR A 690 8.99 -18.75 15.55
C TYR A 690 7.87 -18.58 14.50
N LEU A 691 7.96 -17.53 13.69
CA LEU A 691 6.95 -17.16 12.65
C LEU A 691 6.61 -18.37 11.77
N GLN A 692 7.60 -19.22 11.44
CA GLN A 692 7.44 -20.41 10.56
C GLN A 692 6.62 -21.49 11.29
N LYS A 693 6.91 -21.74 12.58
CA LYS A 693 6.18 -22.76 13.39
C LYS A 693 4.91 -22.16 13.99
N LEU A 694 4.63 -20.86 13.80
CA LEU A 694 3.29 -20.25 14.00
C LEU A 694 2.48 -20.36 12.70
N HIS A 695 3.11 -20.06 11.55
CA HIS A 695 2.50 -20.13 10.20
C HIS A 695 2.15 -21.58 9.84
N LYS A 696 3.00 -22.54 10.28
CA LYS A 696 2.79 -24.01 10.15
C LYS A 696 1.42 -24.38 10.72
N TYR A 697 1.13 -23.92 11.95
CA TYR A 697 -0.10 -24.22 12.73
C TYR A 697 -1.34 -23.83 11.94
N LEU A 698 -1.36 -22.61 11.37
CA LEU A 698 -2.51 -22.06 10.62
C LEU A 698 -2.75 -22.86 9.33
N ILE A 699 -1.68 -23.30 8.65
CA ILE A 699 -1.77 -24.23 7.47
C ILE A 699 -2.34 -25.57 7.97
N THR A 700 -1.73 -26.14 9.01
CA THR A 700 -2.15 -27.42 9.66
C THR A 700 -3.63 -27.36 10.07
N ARG A 701 -4.16 -26.16 10.40
CA ARG A 701 -5.58 -25.94 10.77
C ARG A 701 -6.50 -25.98 9.53
N THR A 702 -5.98 -25.69 8.33
CA THR A 702 -6.69 -25.94 7.04
C THR A 702 -6.54 -27.42 6.67
N GLU A 703 -5.31 -27.95 6.77
CA GLU A 703 -4.94 -29.36 6.42
C GLU A 703 -5.89 -30.35 7.12
N ARG A 704 -6.21 -30.11 8.40
CA ARG A 704 -7.09 -30.98 9.24
C ARG A 704 -8.57 -30.60 9.06
N ASN A 705 -8.87 -29.45 8.41
CA ASN A 705 -10.24 -28.92 8.19
C ASN A 705 -10.83 -28.46 9.54
N VAL A 706 -10.10 -27.62 10.28
CA VAL A 706 -10.52 -27.04 11.58
C VAL A 706 -10.82 -25.55 11.37
N ALA A 707 -9.91 -24.81 10.71
CA ALA A 707 -10.07 -23.38 10.36
C ALA A 707 -11.20 -23.23 9.32
N VAL A 708 -12.13 -22.29 9.56
CA VAL A 708 -13.35 -22.06 8.73
C VAL A 708 -12.94 -21.39 7.41
N TYR A 709 -12.34 -20.21 7.49
CA TYR A 709 -11.84 -19.41 6.34
C TYR A 709 -10.37 -19.75 6.11
N ALA A 710 -10.05 -20.44 5.01
CA ALA A 710 -8.69 -20.86 4.61
C ALA A 710 -7.81 -19.63 4.33
N GLU A 711 -8.42 -18.48 4.04
CA GLU A 711 -7.77 -17.14 3.91
C GLU A 711 -6.78 -16.90 5.05
N SER A 712 -7.18 -17.22 6.29
CA SER A 712 -6.46 -16.94 7.56
C SER A 712 -5.00 -17.43 7.53
N ALA A 713 -4.72 -18.50 6.79
CA ALA A 713 -3.38 -19.17 6.74
C ALA A 713 -2.34 -18.33 5.99
N THR A 714 -2.71 -17.22 5.35
CA THR A 714 -1.80 -16.27 4.66
C THR A 714 -0.67 -15.82 5.61
N TYR A 715 0.56 -15.72 5.09
CA TYR A 715 1.78 -15.37 5.87
C TYR A 715 1.70 -13.93 6.40
N CYS A 716 1.03 -13.03 5.68
CA CYS A 716 0.90 -11.57 6.02
C CYS A 716 0.29 -11.40 7.42
N LEU A 717 -0.84 -12.07 7.67
CA LEU A 717 -1.65 -11.93 8.92
C LEU A 717 -0.88 -12.48 10.13
N VAL A 718 0.07 -13.40 9.92
CA VAL A 718 0.92 -13.99 10.99
C VAL A 718 1.86 -12.89 11.52
N LYS A 719 2.53 -12.16 10.62
CA LYS A 719 3.44 -11.03 10.95
C LYS A 719 2.67 -9.93 11.70
N ASN A 720 1.43 -9.64 11.27
CA ASN A 720 0.54 -8.63 11.88
C ASN A 720 0.21 -9.01 13.32
N ALA A 721 -0.17 -10.28 13.56
CA ALA A 721 -0.57 -10.84 14.87
C ALA A 721 0.59 -10.74 15.88
N VAL A 722 1.79 -11.16 15.47
CA VAL A 722 3.01 -11.17 16.34
C VAL A 722 3.39 -9.72 16.68
N LYS A 723 3.39 -8.84 15.68
CA LYS A 723 3.64 -7.38 15.87
C LYS A 723 2.55 -6.78 16.78
N MET A 724 1.31 -7.26 16.68
CA MET A 724 0.16 -6.83 17.52
C MET A 724 0.40 -7.27 18.97
N PHE A 725 0.76 -8.54 19.20
CA PHE A 725 1.13 -9.09 20.53
C PHE A 725 2.37 -8.37 21.10
N LYS A 726 3.29 -7.98 20.21
CA LYS A 726 4.53 -7.24 20.54
C LYS A 726 4.20 -5.78 20.90
N ASP A 727 3.16 -5.19 20.27
CA ASP A 727 2.63 -3.84 20.58
C ASP A 727 1.89 -3.90 21.93
N ILE A 728 1.00 -4.89 22.11
CA ILE A 728 0.31 -5.19 23.41
C ILE A 728 1.36 -5.46 24.49
N GLY A 729 2.49 -6.08 24.12
CA GLY A 729 3.59 -6.41 25.05
C GLY A 729 3.32 -7.71 25.79
N VAL A 730 2.80 -8.71 25.07
CA VAL A 730 2.67 -10.11 25.57
C VAL A 730 4.06 -10.75 25.45
N PHE A 731 4.63 -10.66 24.23
CA PHE A 731 6.06 -10.92 23.93
C PHE A 731 6.84 -9.60 24.09
N LYS A 732 7.69 -9.51 25.12
CA LYS A 732 8.65 -8.40 25.31
C LYS A 732 9.83 -8.62 24.36
N GLU A 733 9.98 -7.76 23.35
CA GLU A 733 11.08 -7.82 22.35
C GLU A 733 12.39 -7.44 23.05
N THR A 734 13.36 -8.36 23.06
CA THR A 734 14.70 -8.19 23.71
C THR A 734 15.78 -8.61 22.70
N LYS A 735 15.84 -7.92 21.56
CA LYS A 735 16.63 -8.30 20.36
C LYS A 735 18.12 -8.38 20.69
N GLN A 736 18.80 -9.40 20.16
CA GLN A 736 20.24 -9.69 20.39
C GLN A 736 20.84 -10.25 19.09
N LYS A 737 22.16 -10.05 18.89
CA LYS A 737 22.94 -10.49 17.70
C LYS A 737 22.16 -10.16 16.42
N ARG A 738 21.48 -9.01 16.39
CA ARG A 738 20.71 -8.45 15.23
C ARG A 738 19.52 -9.36 14.87
N VAL A 739 18.91 -10.04 15.85
CA VAL A 739 17.62 -10.78 15.67
C VAL A 739 16.76 -10.61 16.93
N SER A 740 15.43 -10.64 16.76
CA SER A 740 14.43 -10.44 17.84
C SER A 740 14.06 -11.78 18.48
N VAL A 741 14.53 -12.02 19.71
CA VAL A 741 14.10 -13.16 20.59
C VAL A 741 12.93 -12.67 21.44
N LEU A 742 11.88 -13.50 21.56
CA LEU A 742 10.57 -13.15 22.19
C LEU A 742 10.55 -13.66 23.64
N GLU A 743 10.54 -12.74 24.60
CA GLU A 743 10.45 -13.01 26.06
C GLU A 743 8.99 -12.88 26.49
N LEU A 744 8.40 -13.95 27.04
CA LEU A 744 7.01 -13.97 27.57
C LEU A 744 6.93 -13.02 28.78
N SER A 745 6.22 -11.90 28.64
CA SER A 745 6.24 -10.75 29.59
C SER A 745 5.72 -11.15 30.97
N SER A 746 6.25 -10.51 32.02
CA SER A 746 5.94 -10.72 33.46
C SER A 746 4.42 -10.69 33.71
N THR A 747 3.70 -9.77 33.06
CA THR A 747 2.22 -9.63 33.12
C THR A 747 1.54 -10.91 32.60
N PHE A 748 2.08 -11.50 31.52
CA PHE A 748 1.51 -12.68 30.82
C PHE A 748 2.30 -13.95 31.15
N LEU A 749 3.12 -13.92 32.21
CA LEU A 749 3.82 -15.10 32.78
C LEU A 749 2.79 -16.16 33.20
N PRO A 750 1.69 -15.81 33.92
CA PRO A 750 0.64 -16.78 34.21
C PRO A 750 -0.26 -17.12 33.00
N GLN A 751 -1.19 -18.05 33.20
CA GLN A 751 -2.09 -18.62 32.14
C GLN A 751 -3.39 -17.80 32.05
N CYS A 752 -3.91 -17.35 33.19
CA CYS A 752 -5.25 -16.72 33.37
C CYS A 752 -5.35 -15.40 32.58
N ASN A 753 -4.23 -14.72 32.30
CA ASN A 753 -4.18 -13.49 31.47
C ASN A 753 -4.35 -13.85 29.99
N ARG A 754 -3.55 -14.81 29.52
CA ARG A 754 -3.60 -15.34 28.13
C ARG A 754 -4.97 -15.98 27.87
N GLN A 755 -5.57 -16.62 28.88
CA GLN A 755 -6.95 -17.19 28.84
C GLN A 755 -7.96 -16.07 28.53
N LYS A 756 -7.87 -14.95 29.24
CA LYS A 756 -8.75 -13.75 29.06
C LYS A 756 -8.45 -13.09 27.71
N LEU A 757 -7.17 -12.97 27.33
CA LEU A 757 -6.73 -12.48 26.00
C LEU A 757 -7.30 -13.37 24.89
N LEU A 758 -7.44 -14.68 25.12
CA LEU A 758 -8.09 -15.61 24.16
C LEU A 758 -9.61 -15.37 24.18
N GLU A 759 -10.23 -15.40 25.37
CA GLU A 759 -11.69 -15.18 25.56
C GLU A 759 -12.15 -13.88 24.89
N TYR A 760 -11.34 -12.82 24.97
CA TYR A 760 -11.65 -11.47 24.43
C TYR A 760 -11.84 -11.54 22.91
N ILE A 761 -10.80 -11.93 22.18
CA ILE A 761 -10.74 -11.95 20.69
C ILE A 761 -11.89 -12.81 20.15
N LEU A 762 -12.23 -13.89 20.85
CA LEU A 762 -13.34 -14.83 20.51
C LEU A 762 -14.70 -14.12 20.56
N SER A 763 -14.85 -13.02 21.32
CA SER A 763 -16.13 -12.28 21.49
C SER A 763 -16.58 -11.65 20.16
N PHE A 764 -15.63 -11.14 19.35
CA PHE A 764 -15.90 -10.42 18.09
C PHE A 764 -16.25 -11.41 16.97
N VAL A 765 -15.48 -12.50 16.84
CA VAL A 765 -15.66 -13.53 15.76
C VAL A 765 -16.97 -14.29 16.01
N VAL A 766 -17.75 -14.51 14.94
CA VAL A 766 -19.03 -15.30 14.96
C VAL A 766 -18.70 -16.80 14.91
N LEU A 767 -19.42 -17.62 15.68
CA LEU A 767 -19.20 -19.08 15.83
C LEU A 767 -20.31 -19.83 15.08
N1A COA B . 11.21 10.12 11.80
C2A COA B . 12.40 10.67 11.49
N3A COA B . 13.46 10.10 10.92
C4A COA B . 13.22 8.80 10.67
C5A COA B . 12.07 8.09 10.94
C6A COA B . 11.02 8.80 11.54
N6A COA B . 9.85 8.26 11.86
N7A COA B . 12.21 6.77 10.53
C8A COA B . 13.43 6.70 10.03
N9A COA B . 14.09 7.90 10.09
C1B COA B . 15.45 8.22 9.64
C2B COA B . 16.37 8.64 10.79
O2B COA B . 17.26 9.64 10.37
C3B COA B . 17.07 7.32 11.11
O3B COA B . 18.33 7.57 11.74
P3B COA B . 18.91 6.40 12.70
O7A COA B . 19.70 5.47 11.81
O8A COA B . 19.79 7.14 13.70
O9A COA B . 17.75 5.69 13.39
C4B COA B . 17.22 6.69 9.74
O4B COA B . 16.02 7.09 9.03
C5B COA B . 17.35 5.19 9.72
O5B COA B . 16.20 4.62 9.03
P1A COA B . 15.53 3.29 9.59
O1A COA B . 16.59 2.31 9.97
O2A COA B . 14.48 3.62 10.59
O3A COA B . 14.84 2.78 8.23
P2A COA B . 15.53 2.31 6.87
O4A COA B . 17.00 2.54 6.98
O5A COA B . 15.04 0.94 6.55
O6A COA B . 14.89 3.32 5.79
CBP COA B . 15.69 3.60 3.46
CCP COA B . 15.75 4.11 4.90
CDP COA B . 16.93 4.14 2.73
CEP COA B . 15.75 2.05 3.42
CAP COA B . 14.44 4.07 2.67
OAP COA B . 14.53 3.44 1.40
C9P COA B . 13.05 3.81 3.27
O9P COA B . 12.92 3.11 4.27
N8P COA B . 12.00 4.34 2.66
C7P COA B . 11.83 4.45 1.21
C6P COA B . 11.61 3.09 0.55
C5P COA B . 12.25 2.94 -0.81
O5P COA B . 12.38 3.90 -1.56
N4P COA B . 12.65 1.71 -1.16
C3P COA B . 13.12 1.34 -2.49
C2P COA B . 12.05 0.67 -3.31
S1P COA B . 11.29 1.78 -4.54
OAA NKO C . 11.21 -7.21 -2.64
OAB NKO C . 10.98 -7.47 -5.14
PAC NKO C . 10.55 -6.70 -3.91
OAD NKO C . 9.05 -6.58 -3.78
OAE NKO C . 13.00 -0.49 -6.27
OAF NKO C . 11.13 -5.20 -4.12
CAG NKO C . 10.24 -4.16 -4.62
CAH NKO C . 11.02 -2.90 -4.90
CAI NKO C . 11.67 -2.87 -6.27
OAJ NKO C . 11.24 -1.69 -6.99
CAK NKO C . 11.99 -0.60 -6.93
CAL NKO C . 11.40 0.50 -7.78
CAM NKO C . 12.38 1.58 -8.15
CAN NKO C . 12.11 2.16 -9.53
CAO NKO C . 12.52 1.27 -10.68
CAP NKO C . 13.70 1.78 -11.49
CAQ NKO C . 13.39 3.00 -12.34
CAR NKO C . 12.39 2.76 -13.44
CAS NKO C . 12.46 3.78 -14.55
CAT NKO C . 11.20 3.86 -15.38
CAU NKO C . 11.38 4.47 -16.74
CAV NKO C . 10.13 4.53 -17.56
CAW NKO C . 10.05 5.73 -18.47
CAX NKO C . 8.69 5.92 -19.13
CAY NKO C . 8.75 6.29 -20.59
CAZ NKO C . 7.67 7.23 -21.05
OBA NKO C . 10.15 -1.79 -4.75
#